data_6ITG
#
_entry.id   6ITG
#
_cell.length_a   106.327
_cell.length_b   106.327
_cell.length_c   100.575
_cell.angle_alpha   90.00
_cell.angle_beta   90.00
_cell.angle_gamma   120.00
#
_symmetry.space_group_name_H-M   'P 31'
#
loop_
_entity.id
_entity.type
_entity.pdbx_description
1 polymer 'Alginate lyase'
2 non-polymer GLYCEROL
3 non-polymer 'MALONATE ION'
4 water water
#
_entity_poly.entity_id   1
_entity_poly.type   'polypeptide(L)'
_entity_poly.pdbx_seq_one_letter_code
;GPPDLGTDDDDKAMADIASCTTQEKTAPVISVAEQAVPSISEIDRSYLLSSDRLTEVDGNTLDVASEEQVAALKAQFENL
KDGDEVVIPNGKYANLGQVTITANDVTIRAEQAGAAWLTGLIQFELKGDDITLDGLVFTEGGPNERFGAVRMMGNGNTLQ
NSTFYYFNHDYTYEPDERRSEYPKYLWVSLWGKDGKVINNRFEGKQKRGTLIGVQKDDTPDNHLIANNIFMDQKPNQFNE
FDIKEAIRYNGNSWEAIRIGDSKSSQWDSSSKFVNNLMIDMDGERELISIKSGDNTISGNTIFQSAALISLRHGKGNTVE
NNMILGNEKRLTGGIRIYDEDHVIRNNYIANTRGRDGVIEGNADLRGGIVINTGIIDVANGEQLDQSVKGKELNKQWTPK
NITIENNSLVDTEWGIVYGNQSHRVSLFNNAEVEGIYAGVDIAFKHNVVDNSQTPEFVSVRATHDFPLVGATYTDETYVG
QVTDSELIESYSVELPKVTVENGLNAYQGEGADVSKLSVVTAETAGPDYVLENTTK
;
_entity_poly.pdbx_strand_id   A,B
#
loop_
_chem_comp.id
_chem_comp.type
_chem_comp.name
_chem_comp.formula
GOL non-polymer GLYCEROL 'C3 H8 O3'
MLI non-polymer 'MALONATE ION' 'C3 H2 O4 -2'
#
# COMPACT_ATOMS: atom_id res chain seq x y z
N PRO A 38 -31.70 6.81 17.09
CA PRO A 38 -31.10 7.37 15.89
C PRO A 38 -30.71 6.30 14.84
N SER A 39 -30.65 6.68 13.56
CA SER A 39 -29.99 5.84 12.54
C SER A 39 -28.44 5.90 12.74
N ILE A 40 -27.68 4.97 12.14
CA ILE A 40 -26.23 4.87 12.38
C ILE A 40 -25.53 6.22 12.22
N SER A 41 -25.83 6.92 11.13
CA SER A 41 -25.18 8.19 10.80
C SER A 41 -25.50 9.27 11.84
N GLU A 42 -26.61 9.09 12.56
CA GLU A 42 -27.15 10.07 13.52
C GLU A 42 -26.69 9.77 14.95
N ILE A 43 -26.07 8.61 15.18
CA ILE A 43 -25.55 8.30 16.52
C ILE A 43 -24.58 9.37 17.03
N ASP A 44 -24.69 9.69 18.31
CA ASP A 44 -23.80 10.62 18.97
C ASP A 44 -23.55 10.15 20.39
N ARG A 45 -22.62 10.78 21.10
CA ARG A 45 -22.30 10.28 22.42
C ARG A 45 -23.48 10.41 23.37
N SER A 46 -24.30 11.46 23.23
CA SER A 46 -25.43 11.65 24.14
C SER A 46 -26.32 10.39 24.10
N TYR A 47 -26.59 9.90 22.88
CA TYR A 47 -27.37 8.68 22.68
C TYR A 47 -26.69 7.45 23.29
N LEU A 48 -25.41 7.25 22.98
CA LEU A 48 -24.69 6.06 23.44
C LEU A 48 -24.58 6.01 24.96
N LEU A 49 -24.56 7.19 25.60
CA LEU A 49 -24.36 7.27 27.06
C LEU A 49 -25.65 7.35 27.84
N SER A 50 -26.78 7.36 27.14
CA SER A 50 -28.09 7.50 27.77
C SER A 50 -28.69 6.20 28.28
N SER A 51 -29.20 6.21 29.52
CA SER A 51 -30.01 5.08 29.99
C SER A 51 -30.83 5.53 31.21
N ASP A 52 -32.12 5.20 31.21
CA ASP A 52 -33.00 5.46 32.36
C ASP A 52 -32.56 4.77 33.66
N ARG A 53 -31.72 3.74 33.54
CA ARG A 53 -31.27 3.02 34.72
C ARG A 53 -30.28 3.81 35.57
N LEU A 54 -29.69 4.88 35.01
CA LEU A 54 -28.54 5.53 35.66
C LEU A 54 -28.99 6.50 36.75
N THR A 55 -28.40 6.35 37.95
N THR A 55 -28.41 6.40 37.95
CA THR A 55 -28.56 7.27 39.08
CA THR A 55 -28.69 7.38 38.98
C THR A 55 -27.55 8.42 38.93
C THR A 55 -27.55 8.40 38.98
N GLU A 56 -27.84 9.63 39.42
CA GLU A 56 -26.88 10.74 39.36
C GLU A 56 -26.27 10.88 40.74
N VAL A 57 -24.94 10.90 40.84
CA VAL A 57 -24.22 11.18 42.10
C VAL A 57 -23.50 12.51 41.98
N ASP A 58 -23.85 13.44 42.86
CA ASP A 58 -23.30 14.80 42.84
C ASP A 58 -22.16 14.85 43.83
N GLY A 59 -20.93 14.99 43.34
CA GLY A 59 -19.76 15.04 44.24
C GLY A 59 -19.85 16.16 45.26
N ASN A 60 -20.61 17.22 44.95
CA ASN A 60 -20.64 18.33 45.89
C ASN A 60 -21.49 18.05 47.14
N THR A 61 -22.17 16.90 47.16
CA THR A 61 -22.88 16.46 48.35
C THR A 61 -22.02 15.61 49.29
N LEU A 62 -20.79 15.28 48.84
CA LEU A 62 -19.92 14.36 49.58
C LEU A 62 -19.01 15.14 50.53
N ASP A 63 -18.87 14.66 51.76
CA ASP A 63 -18.00 15.31 52.71
C ASP A 63 -16.59 14.81 52.49
N VAL A 64 -15.61 15.70 52.72
CA VAL A 64 -14.19 15.35 52.67
C VAL A 64 -13.74 14.75 53.98
N ALA A 65 -13.30 13.50 53.91
CA ALA A 65 -12.79 12.79 55.08
C ALA A 65 -11.53 13.45 55.66
N SER A 66 -11.46 13.53 56.98
CA SER A 66 -10.29 14.04 57.67
C SER A 66 -9.12 13.06 57.54
N GLU A 67 -7.90 13.52 57.83
CA GLU A 67 -6.76 12.61 57.84
C GLU A 67 -6.96 11.40 58.76
N GLU A 68 -7.56 11.64 59.94
CA GLU A 68 -7.86 10.55 60.88
C GLU A 68 -8.87 9.56 60.30
N GLN A 69 -9.90 10.07 59.61
CA GLN A 69 -10.88 9.20 58.96
C GLN A 69 -10.25 8.39 57.81
N VAL A 70 -9.35 9.01 57.05
CA VAL A 70 -8.68 8.28 55.96
C VAL A 70 -7.83 7.16 56.57
N ALA A 71 -7.11 7.47 57.66
CA ALA A 71 -6.25 6.49 58.32
C ALA A 71 -7.06 5.32 58.89
N ALA A 72 -8.23 5.63 59.43
CA ALA A 72 -9.11 4.62 60.01
C ALA A 72 -9.68 3.69 58.93
N LEU A 73 -10.07 4.27 57.79
CA LEU A 73 -10.50 3.47 56.65
C LEU A 73 -9.36 2.55 56.16
N LYS A 74 -8.15 3.08 56.03
CA LYS A 74 -7.00 2.29 55.54
C LYS A 74 -6.68 1.09 56.46
N ALA A 75 -6.80 1.31 57.77
CA ALA A 75 -6.57 0.23 58.73
C ALA A 75 -7.63 -0.86 58.56
N GLN A 76 -8.89 -0.44 58.34
CA GLN A 76 -9.98 -1.42 58.05
C GLN A 76 -9.56 -2.28 56.86
N PHE A 77 -9.07 -1.66 55.79
CA PHE A 77 -8.68 -2.40 54.60
C PHE A 77 -7.60 -3.48 54.88
N GLU A 78 -6.56 -3.08 55.60
CA GLU A 78 -5.37 -3.94 55.75
C GLU A 78 -5.53 -4.95 56.90
N ASN A 79 -6.57 -4.73 57.70
CA ASN A 79 -6.94 -5.68 58.76
C ASN A 79 -8.04 -6.67 58.41
N LEU A 80 -8.53 -6.65 57.17
CA LEU A 80 -9.62 -7.54 56.75
C LEU A 80 -9.32 -9.01 57.01
N LYS A 81 -10.33 -9.75 57.47
CA LYS A 81 -10.25 -11.22 57.56
C LYS A 81 -10.89 -11.79 56.30
N ASP A 82 -10.50 -13.01 55.90
CA ASP A 82 -11.14 -13.67 54.77
C ASP A 82 -12.65 -13.68 54.97
N GLY A 83 -13.38 -13.35 53.92
CA GLY A 83 -14.83 -13.45 53.96
C GLY A 83 -15.51 -12.15 54.35
N ASP A 84 -14.76 -11.18 54.85
CA ASP A 84 -15.34 -9.94 55.31
C ASP A 84 -15.58 -8.94 54.19
N GLU A 85 -16.10 -7.78 54.58
CA GLU A 85 -16.40 -6.73 53.61
C GLU A 85 -16.09 -5.41 54.29
N VAL A 86 -15.69 -4.42 53.50
CA VAL A 86 -15.58 -3.02 53.96
C VAL A 86 -16.58 -2.22 53.10
N VAL A 87 -17.50 -1.51 53.76
CA VAL A 87 -18.43 -0.64 53.07
C VAL A 87 -17.99 0.78 53.37
N ILE A 88 -17.64 1.52 52.34
CA ILE A 88 -17.02 2.83 52.50
C ILE A 88 -18.14 3.86 52.55
N PRO A 89 -18.28 4.61 53.67
CA PRO A 89 -19.32 5.65 53.76
C PRO A 89 -19.14 6.68 52.67
N ASN A 90 -20.27 7.19 52.18
CA ASN A 90 -20.21 8.26 51.17
C ASN A 90 -19.20 9.34 51.62
N GLY A 91 -18.32 9.75 50.73
CA GLY A 91 -17.36 10.79 51.03
C GLY A 91 -16.21 10.82 50.07
N LYS A 92 -15.28 11.76 50.28
CA LYS A 92 -14.05 11.88 49.47
C LYS A 92 -12.85 11.61 50.38
N TYR A 93 -12.01 10.68 49.96
CA TYR A 93 -10.92 10.17 50.79
C TYR A 93 -9.63 10.38 50.02
N ALA A 94 -8.87 11.36 50.46
CA ALA A 94 -7.63 11.75 49.80
C ALA A 94 -6.42 10.97 50.29
N ASN A 95 -5.58 10.57 49.33
CA ASN A 95 -4.26 10.02 49.65
C ASN A 95 -4.28 8.82 50.55
N LEU A 96 -5.08 7.82 50.20
CA LEU A 96 -5.00 6.52 50.89
C LEU A 96 -3.62 5.87 50.67
N GLY A 97 -2.92 6.19 49.57
CA GLY A 97 -1.56 5.67 49.37
C GLY A 97 -1.63 4.18 49.04
N GLN A 98 -0.67 3.43 49.56
CA GLN A 98 -0.57 2.02 49.23
C GLN A 98 -1.49 1.18 50.13
N VAL A 99 -2.50 0.53 49.55
CA VAL A 99 -3.50 -0.24 50.31
C VAL A 99 -3.36 -1.70 49.87
N THR A 100 -2.73 -2.54 50.72
CA THR A 100 -2.46 -3.89 50.34
C THR A 100 -3.51 -4.80 50.96
N ILE A 101 -4.28 -5.50 50.10
CA ILE A 101 -5.31 -6.45 50.55
C ILE A 101 -4.79 -7.87 50.42
N THR A 102 -4.54 -8.50 51.55
CA THR A 102 -3.99 -9.85 51.53
C THR A 102 -5.10 -10.87 51.81
N ALA A 103 -6.23 -10.39 52.35
CA ALA A 103 -7.42 -11.26 52.59
C ALA A 103 -7.99 -11.87 51.29
N ASN A 104 -8.57 -13.05 51.40
CA ASN A 104 -9.30 -13.70 50.30
C ASN A 104 -10.81 -13.57 50.46
N ASP A 105 -11.57 -13.55 49.35
CA ASP A 105 -13.04 -13.58 49.44
C ASP A 105 -13.59 -12.36 50.18
N VAL A 106 -13.05 -11.20 49.84
CA VAL A 106 -13.49 -9.96 50.44
C VAL A 106 -14.02 -9.00 49.40
N THR A 107 -14.95 -8.15 49.82
CA THR A 107 -15.48 -7.08 48.97
C THR A 107 -15.21 -5.74 49.64
N ILE A 108 -14.74 -4.77 48.85
CA ILE A 108 -14.64 -3.40 49.24
C ILE A 108 -15.60 -2.69 48.33
N ARG A 109 -16.63 -2.06 48.92
CA ARG A 109 -17.64 -1.40 48.12
C ARG A 109 -18.05 -0.05 48.70
N ALA A 110 -18.55 0.83 47.85
CA ALA A 110 -19.16 2.07 48.33
C ALA A 110 -20.50 1.79 48.99
N GLU A 111 -20.78 2.48 50.08
CA GLU A 111 -22.11 2.45 50.70
C GLU A 111 -23.19 2.70 49.63
N GLN A 112 -23.02 3.78 48.85
CA GLN A 112 -23.85 4.03 47.66
C GLN A 112 -22.92 4.04 46.46
N ALA A 113 -23.26 3.26 45.44
CA ALA A 113 -22.41 3.18 44.24
C ALA A 113 -22.07 4.56 43.69
N GLY A 114 -20.79 4.80 43.44
CA GLY A 114 -20.38 6.08 42.88
C GLY A 114 -20.15 7.17 43.89
N ALA A 115 -20.41 6.90 45.17
CA ALA A 115 -20.36 7.96 46.19
C ALA A 115 -19.16 7.88 47.14
N ALA A 116 -18.22 6.98 46.87
CA ALA A 116 -16.95 6.92 47.58
C ALA A 116 -15.87 7.33 46.57
N TRP A 117 -15.40 8.57 46.70
CA TRP A 117 -14.44 9.10 45.73
C TRP A 117 -13.08 9.04 46.40
N LEU A 118 -12.13 8.40 45.72
CA LEU A 118 -10.78 8.16 46.22
C LEU A 118 -9.89 9.08 45.38
N THR A 119 -9.29 10.07 46.05
CA THR A 119 -8.57 11.14 45.39
C THR A 119 -7.11 11.15 45.83
N GLY A 120 -6.33 12.08 45.26
CA GLY A 120 -4.88 12.05 45.54
C GLY A 120 -4.28 10.69 45.11
N LEU A 121 -3.20 10.27 45.78
CA LEU A 121 -2.48 9.05 45.38
C LEU A 121 -3.05 7.82 46.07
N ILE A 122 -3.27 6.77 45.28
CA ILE A 122 -3.78 5.50 45.83
C ILE A 122 -3.35 4.37 44.91
N GLN A 123 -3.06 3.23 45.50
CA GLN A 123 -3.08 1.97 44.74
C GLN A 123 -3.61 0.87 45.66
N PHE A 124 -4.67 0.20 45.21
CA PHE A 124 -5.11 -1.06 45.82
C PHE A 124 -4.27 -2.16 45.22
N GLU A 125 -3.46 -2.80 46.07
CA GLU A 125 -2.67 -3.94 45.62
C GLU A 125 -3.41 -5.17 46.12
N LEU A 126 -4.11 -5.83 45.22
CA LEU A 126 -5.00 -6.95 45.58
C LEU A 126 -4.19 -8.23 45.51
N LYS A 127 -3.70 -8.72 46.66
CA LYS A 127 -2.87 -9.91 46.66
C LYS A 127 -3.66 -11.19 46.91
N GLY A 128 -4.76 -11.08 47.69
CA GLY A 128 -5.62 -12.23 47.93
C GLY A 128 -6.42 -12.66 46.70
N ASP A 129 -7.05 -13.83 46.80
CA ASP A 129 -7.92 -14.34 45.74
C ASP A 129 -9.35 -13.87 45.97
N ASP A 130 -10.15 -13.77 44.90
CA ASP A 130 -11.62 -13.56 45.07
C ASP A 130 -11.88 -12.26 45.83
N ILE A 131 -11.09 -11.22 45.50
CA ILE A 131 -11.34 -9.87 45.98
C ILE A 131 -12.15 -9.10 44.93
N THR A 132 -13.20 -8.41 45.39
CA THR A 132 -14.03 -7.57 44.53
C THR A 132 -14.00 -6.15 45.00
N LEU A 133 -13.72 -5.25 44.09
CA LEU A 133 -13.89 -3.81 44.33
C LEU A 133 -15.12 -3.37 43.52
N ASP A 134 -16.05 -2.68 44.19
CA ASP A 134 -17.36 -2.42 43.61
C ASP A 134 -17.82 -1.00 43.90
N GLY A 135 -18.09 -0.22 42.90
CA GLY A 135 -18.74 1.07 43.08
C GLY A 135 -17.84 2.23 43.43
N LEU A 136 -16.53 2.11 43.21
CA LEU A 136 -15.56 3.13 43.64
C LEU A 136 -15.31 4.15 42.52
N VAL A 137 -14.88 5.34 42.93
CA VAL A 137 -14.51 6.38 42.00
C VAL A 137 -13.08 6.79 42.25
N PHE A 138 -12.30 6.86 41.16
CA PHE A 138 -10.92 7.30 41.23
C PHE A 138 -10.86 8.59 40.41
N THR A 139 -10.60 9.73 41.08
CA THR A 139 -10.55 10.99 40.36
C THR A 139 -9.70 11.99 41.15
N GLU A 140 -9.28 13.09 40.49
CA GLU A 140 -8.58 14.16 41.22
C GLU A 140 -7.38 13.61 42.00
N GLY A 141 -6.59 12.82 41.29
CA GLY A 141 -5.45 12.14 41.88
C GLY A 141 -4.85 11.25 40.82
N GLY A 142 -4.10 10.23 41.25
CA GLY A 142 -3.42 9.37 40.28
C GLY A 142 -2.88 8.13 41.00
N PRO A 143 -2.39 7.15 40.22
CA PRO A 143 -1.91 5.90 40.85
C PRO A 143 -0.71 6.14 41.75
N ASN A 144 -0.66 5.41 42.86
CA ASN A 144 0.46 5.52 43.80
C ASN A 144 1.72 4.80 43.29
N GLU A 145 1.53 3.92 42.29
CA GLU A 145 2.65 3.20 41.68
C GLU A 145 2.25 2.99 40.24
N ARG A 146 3.24 2.86 39.33
CA ARG A 146 2.94 2.94 37.88
C ARG A 146 2.06 1.85 37.28
N PHE A 147 1.88 0.71 37.98
CA PHE A 147 0.98 -0.33 37.50
C PHE A 147 -0.50 -0.15 37.88
N GLY A 148 -0.83 1.02 38.43
CA GLY A 148 -2.24 1.43 38.44
C GLY A 148 -2.85 1.79 39.79
N ALA A 149 -4.06 2.32 39.73
CA ALA A 149 -4.88 2.49 40.97
C ALA A 149 -5.32 1.11 41.49
N VAL A 150 -5.41 0.13 40.61
CA VAL A 150 -5.85 -1.22 41.02
C VAL A 150 -4.88 -2.20 40.38
N ARG A 151 -4.10 -2.89 41.24
CA ARG A 151 -3.14 -3.95 40.86
C ARG A 151 -3.83 -5.28 41.23
N MET A 152 -4.37 -5.96 40.23
CA MET A 152 -5.16 -7.18 40.50
C MET A 152 -4.19 -8.37 40.46
N MET A 153 -3.58 -8.72 41.62
CA MET A 153 -2.52 -9.74 41.65
C MET A 153 -3.00 -11.17 41.90
N GLY A 154 -4.13 -11.33 42.61
CA GLY A 154 -4.63 -12.64 42.99
C GLY A 154 -5.52 -13.19 41.88
N ASN A 155 -6.08 -14.36 42.12
CA ASN A 155 -6.93 -15.01 41.15
C ASN A 155 -8.38 -14.70 41.43
N GLY A 156 -9.24 -14.66 40.41
CA GLY A 156 -10.63 -14.32 40.64
C GLY A 156 -10.81 -12.92 41.18
N ASN A 157 -9.91 -11.97 40.85
CA ASN A 157 -10.12 -10.62 41.33
C ASN A 157 -11.08 -9.90 40.35
N THR A 158 -11.90 -9.00 40.88
CA THR A 158 -12.90 -8.26 40.09
C THR A 158 -12.95 -6.78 40.42
N LEU A 159 -12.96 -5.97 39.37
CA LEU A 159 -13.21 -4.53 39.48
C LEU A 159 -14.51 -4.25 38.74
N GLN A 160 -15.56 -3.82 39.46
CA GLN A 160 -16.87 -3.61 38.86
C GLN A 160 -17.53 -2.31 39.32
N ASN A 161 -18.39 -1.77 38.44
CA ASN A 161 -19.28 -0.65 38.75
C ASN A 161 -18.47 0.59 39.22
N SER A 162 -17.22 0.71 38.74
CA SER A 162 -16.33 1.74 39.25
C SER A 162 -16.04 2.76 38.11
N THR A 163 -15.68 3.98 38.48
CA THR A 163 -15.42 5.06 37.53
C THR A 163 -14.08 5.67 37.79
N PHE A 164 -13.30 5.77 36.72
CA PHE A 164 -12.08 6.61 36.72
C PHE A 164 -12.42 7.86 35.94
N TYR A 165 -12.16 9.03 36.54
CA TYR A 165 -12.43 10.29 35.85
C TYR A 165 -11.15 11.14 35.88
N TYR A 166 -10.42 11.17 34.76
CA TYR A 166 -9.22 12.01 34.64
C TYR A 166 -8.25 11.82 35.79
N PHE A 167 -7.90 10.56 36.03
CA PHE A 167 -7.04 10.16 37.18
C PHE A 167 -5.56 10.26 36.71
N ASN A 168 -5.18 11.51 36.37
CA ASN A 168 -3.90 11.82 35.71
C ASN A 168 -2.99 12.68 36.58
N HIS A 169 -3.17 12.70 37.91
CA HIS A 169 -2.57 13.75 38.68
C HIS A 169 -1.72 13.22 39.85
N ASP A 170 -0.92 14.13 40.40
CA ASP A 170 -0.20 13.97 41.64
C ASP A 170 1.04 13.10 41.61
N TYR A 171 1.36 12.54 40.46
CA TYR A 171 2.59 11.81 40.31
C TYR A 171 3.54 12.57 39.39
N THR A 172 4.84 12.39 39.60
CA THR A 172 5.83 13.11 38.78
C THR A 172 5.66 12.69 37.32
N TYR A 173 5.74 13.67 36.42
CA TYR A 173 5.45 13.41 34.99
C TYR A 173 6.38 14.30 34.17
N GLU A 174 7.60 13.83 33.98
N GLU A 174 7.63 13.87 34.01
CA GLU A 174 8.67 14.65 33.38
CA GLU A 174 8.64 14.69 33.34
C GLU A 174 9.40 13.81 32.33
C GLU A 174 9.33 13.82 32.30
N PRO A 175 9.87 14.42 31.25
CA PRO A 175 10.74 13.63 30.33
C PRO A 175 12.00 13.20 31.12
N ASP A 176 12.37 11.93 30.98
CA ASP A 176 13.54 11.42 31.67
C ASP A 176 14.84 11.99 31.11
N GLU A 177 15.92 11.87 31.90
CA GLU A 177 17.20 12.40 31.48
C GLU A 177 17.80 11.54 30.34
N ARG A 178 17.57 10.22 30.39
CA ARG A 178 18.16 9.27 29.41
C ARG A 178 17.74 9.61 27.97
N ARG A 179 16.44 9.83 27.75
CA ARG A 179 16.00 10.06 26.37
C ARG A 179 14.70 10.88 26.27
N SER A 180 14.41 11.65 27.32
CA SER A 180 13.25 12.53 27.35
C SER A 180 11.94 11.72 27.20
N GLU A 181 11.93 10.49 27.73
CA GLU A 181 10.73 9.66 27.70
C GLU A 181 9.84 9.98 28.93
N TYR A 182 8.56 10.20 28.69
CA TYR A 182 7.60 10.44 29.82
C TYR A 182 7.20 9.12 30.46
N PRO A 183 6.94 9.13 31.76
CA PRO A 183 6.63 7.83 32.40
C PRO A 183 5.24 7.29 32.02
N LYS A 184 5.19 5.97 31.87
CA LYS A 184 3.95 5.23 31.58
C LYS A 184 3.31 4.83 32.90
N TYR A 185 2.10 5.32 33.12
CA TYR A 185 1.31 4.91 34.30
C TYR A 185 0.06 4.25 33.75
N LEU A 186 -0.29 3.11 34.31
CA LEU A 186 -1.54 2.39 34.01
C LEU A 186 -2.62 2.86 34.95
N TRP A 187 -3.88 2.55 34.63
CA TRP A 187 -4.96 2.67 35.64
C TRP A 187 -5.31 1.35 36.33
N VAL A 188 -5.33 0.25 35.56
CA VAL A 188 -5.63 -1.07 36.13
C VAL A 188 -4.65 -2.05 35.51
N SER A 189 -4.10 -2.94 36.32
CA SER A 189 -3.31 -4.05 35.78
C SER A 189 -3.79 -5.37 36.32
N LEU A 190 -3.66 -6.39 35.48
CA LEU A 190 -4.06 -7.76 35.84
C LEU A 190 -2.84 -8.64 35.75
N TRP A 191 -2.49 -9.29 36.89
CA TRP A 191 -1.30 -10.12 36.96
C TRP A 191 -1.60 -11.57 37.31
N GLY A 192 -2.85 -11.83 37.69
CA GLY A 192 -3.30 -13.16 38.11
C GLY A 192 -4.07 -13.89 37.03
N LYS A 193 -5.05 -14.70 37.47
CA LYS A 193 -5.86 -15.51 36.57
C LYS A 193 -7.32 -15.23 36.80
N ASP A 194 -8.15 -15.38 35.76
CA ASP A 194 -9.62 -15.27 35.91
C ASP A 194 -10.02 -13.92 36.51
N GLY A 195 -9.36 -12.86 36.03
CA GLY A 195 -9.74 -11.52 36.44
C GLY A 195 -11.01 -11.07 35.72
N LYS A 196 -11.77 -10.14 36.32
CA LYS A 196 -12.93 -9.56 35.64
C LYS A 196 -12.82 -8.04 35.81
N VAL A 197 -12.97 -7.32 34.71
CA VAL A 197 -13.03 -5.83 34.73
C VAL A 197 -14.32 -5.54 33.98
N ILE A 198 -15.42 -5.31 34.75
CA ILE A 198 -16.75 -5.29 34.14
C ILE A 198 -17.57 -4.09 34.60
N ASN A 199 -18.39 -3.54 33.70
CA ASN A 199 -19.33 -2.46 34.08
C ASN A 199 -18.65 -1.27 34.76
N ASN A 200 -17.48 -0.87 34.28
CA ASN A 200 -16.80 0.33 34.73
C ASN A 200 -16.87 1.41 33.69
N ARG A 201 -16.44 2.60 34.07
CA ARG A 201 -16.31 3.76 33.20
C ARG A 201 -14.89 4.31 33.36
N PHE A 202 -14.21 4.37 32.24
CA PHE A 202 -12.77 4.77 32.19
C PHE A 202 -12.70 6.01 31.34
N GLU A 203 -12.76 7.17 31.97
CA GLU A 203 -12.97 8.41 31.23
C GLU A 203 -11.78 9.36 31.39
N GLY A 204 -11.20 9.81 30.29
CA GLY A 204 -10.20 10.88 30.36
C GLY A 204 -8.75 10.47 30.67
N LYS A 205 -8.30 9.29 30.22
CA LYS A 205 -6.87 8.99 30.44
C LYS A 205 -6.02 9.83 29.46
N GLN A 206 -5.27 10.79 30.01
CA GLN A 206 -4.65 11.84 29.18
C GLN A 206 -3.20 12.12 29.58
N LYS A 207 -2.57 11.11 30.22
CA LYS A 207 -1.12 11.06 30.34
C LYS A 207 -0.69 9.68 29.87
N ARG A 208 0.61 9.53 29.57
CA ARG A 208 1.09 8.34 28.92
C ARG A 208 0.86 7.05 29.72
N GLY A 209 0.67 5.95 29.00
CA GLY A 209 0.56 4.63 29.61
C GLY A 209 -0.73 3.94 29.22
N THR A 210 -0.67 2.62 29.06
CA THR A 210 -1.90 1.90 28.71
C THR A 210 -2.92 2.02 29.85
N LEU A 211 -4.21 2.08 29.53
CA LEU A 211 -5.23 2.21 30.55
C LEU A 211 -5.37 0.92 31.36
N ILE A 212 -5.53 -0.19 30.69
CA ILE A 212 -5.55 -1.51 31.35
C ILE A 212 -4.40 -2.34 30.78
N GLY A 213 -3.52 -2.85 31.63
CA GLY A 213 -2.46 -3.76 31.14
C GLY A 213 -2.61 -5.15 31.73
N VAL A 214 -2.52 -6.15 30.86
CA VAL A 214 -2.48 -7.58 31.27
C VAL A 214 -1.01 -8.00 31.29
N GLN A 215 -0.54 -8.36 32.48
CA GLN A 215 0.85 -8.74 32.76
C GLN A 215 0.83 -10.22 33.04
N LYS A 216 1.17 -11.01 32.02
CA LYS A 216 0.88 -12.43 32.09
C LYS A 216 2.12 -13.30 32.13
N ASP A 217 1.90 -14.57 32.41
CA ASP A 217 2.97 -15.55 32.35
C ASP A 217 2.75 -16.54 31.19
N ASP A 218 3.27 -17.78 31.32
CA ASP A 218 3.28 -18.77 30.28
C ASP A 218 2.00 -19.61 30.14
N THR A 219 0.99 -19.38 30.98
CA THR A 219 -0.24 -20.18 30.91
C THR A 219 -1.42 -19.24 30.60
N PRO A 220 -2.54 -19.80 30.15
CA PRO A 220 -3.66 -18.94 29.85
C PRO A 220 -4.11 -18.15 31.09
N ASP A 221 -4.68 -16.97 30.83
CA ASP A 221 -5.14 -16.09 31.92
C ASP A 221 -6.65 -16.08 32.07
N ASN A 222 -7.37 -16.19 30.94
CA ASN A 222 -8.85 -16.23 30.98
C ASN A 222 -9.46 -15.01 31.68
N HIS A 223 -8.93 -13.82 31.37
CA HIS A 223 -9.54 -12.60 31.89
C HIS A 223 -10.76 -12.19 31.08
N LEU A 224 -11.68 -11.50 31.72
CA LEU A 224 -12.89 -10.98 31.04
C LEU A 224 -12.92 -9.47 31.25
N ILE A 225 -12.78 -8.72 30.15
CA ILE A 225 -12.89 -7.24 30.18
C ILE A 225 -14.13 -6.89 29.37
N ALA A 226 -15.23 -6.62 30.04
CA ALA A 226 -16.57 -6.65 29.33
C ALA A 226 -17.48 -5.57 29.86
N ASN A 227 -18.35 -5.07 28.97
CA ASN A 227 -19.45 -4.17 29.37
C ASN A 227 -18.89 -2.90 30.05
N ASN A 228 -17.72 -2.40 29.62
CA ASN A 228 -17.21 -1.13 30.15
C ASN A 228 -17.43 0.00 29.17
N ILE A 229 -17.40 1.22 29.68
CA ILE A 229 -17.35 2.44 28.82
C ILE A 229 -15.95 3.02 28.91
N PHE A 230 -15.35 3.30 27.74
CA PHE A 230 -14.06 3.96 27.67
C PHE A 230 -14.28 5.23 26.90
N MET A 231 -13.86 6.38 27.42
CA MET A 231 -14.09 7.64 26.68
C MET A 231 -12.85 8.52 26.80
N ASP A 232 -12.54 9.26 25.74
CA ASP A 232 -11.71 10.48 25.81
C ASP A 232 -10.26 10.24 26.25
N GLN A 233 -9.68 9.10 25.89
CA GLN A 233 -8.22 8.95 26.01
C GLN A 233 -7.60 9.71 24.86
N LYS A 234 -6.61 10.54 25.14
CA LYS A 234 -5.93 11.28 24.06
C LYS A 234 -4.56 11.74 24.54
N PRO A 235 -3.60 11.84 23.59
CA PRO A 235 -2.24 12.10 23.94
C PRO A 235 -1.88 13.59 23.75
N ASN A 236 -0.71 13.98 24.19
CA ASN A 236 -0.18 15.30 23.87
C ASN A 236 -1.02 16.40 24.45
N GLN A 237 -1.61 16.15 25.62
CA GLN A 237 -2.31 17.20 26.37
C GLN A 237 -1.37 18.00 27.25
N PHE A 238 -0.13 17.51 27.42
CA PHE A 238 0.85 18.17 28.27
C PHE A 238 2.11 18.47 27.49
N ASN A 239 1.95 18.78 26.18
CA ASN A 239 3.08 19.16 25.30
C ASN A 239 4.13 18.08 25.14
N GLU A 240 3.79 16.83 25.43
CA GLU A 240 4.79 15.76 25.35
C GLU A 240 5.43 15.64 23.96
N PHE A 241 4.67 15.93 22.92
CA PHE A 241 5.18 15.74 21.55
C PHE A 241 6.06 16.91 21.09
N ASP A 242 6.19 17.97 21.91
CA ASP A 242 7.05 19.08 21.56
C ASP A 242 8.53 18.67 21.49
N ILE A 243 8.92 17.58 22.17
CA ILE A 243 10.29 17.06 22.09
C ILE A 243 10.30 16.14 20.85
N LYS A 244 10.63 16.74 19.72
CA LYS A 244 10.48 16.07 18.42
C LYS A 244 11.32 14.80 18.30
N GLU A 245 12.52 14.80 18.88
CA GLU A 245 13.45 13.64 18.77
C GLU A 245 12.87 12.41 19.48
N ALA A 246 11.95 12.63 20.41
CA ALA A 246 11.45 11.53 21.24
C ALA A 246 10.06 11.04 20.84
N ILE A 247 9.50 11.58 19.76
CA ILE A 247 8.09 11.42 19.43
C ILE A 247 7.70 9.95 19.12
N ARG A 248 8.60 9.13 18.53
CA ARG A 248 8.15 7.75 18.14
C ARG A 248 7.85 6.89 19.34
N TYR A 249 8.51 7.14 20.47
CA TYR A 249 8.22 6.42 21.69
C TYR A 249 7.29 7.21 22.60
N ASN A 250 7.45 8.52 22.76
CA ASN A 250 6.45 9.23 23.57
C ASN A 250 5.05 9.16 22.99
N GLY A 251 4.95 8.94 21.67
CA GLY A 251 3.63 8.76 21.00
C GLY A 251 3.11 7.33 21.02
N ASN A 252 3.83 6.44 21.68
CA ASN A 252 3.44 5.06 21.86
C ASN A 252 3.07 4.83 23.34
N SER A 253 2.30 3.79 23.59
CA SER A 253 1.84 3.37 24.92
C SER A 253 0.72 4.28 25.43
N TRP A 254 -0.31 4.44 24.61
CA TRP A 254 -1.55 5.12 24.99
C TRP A 254 -2.73 4.23 24.63
N GLU A 255 -2.57 2.93 24.78
CA GLU A 255 -3.66 2.01 24.44
C GLU A 255 -4.78 2.06 25.48
N ALA A 256 -5.98 1.66 25.08
CA ALA A 256 -7.04 1.38 26.07
C ALA A 256 -6.75 0.11 26.83
N ILE A 257 -6.25 -0.89 26.10
CA ILE A 257 -5.82 -2.13 26.74
C ILE A 257 -4.69 -2.77 25.98
N ARG A 258 -3.77 -3.35 26.74
CA ARG A 258 -2.69 -4.18 26.14
C ARG A 258 -2.80 -5.56 26.76
N ILE A 259 -2.98 -6.59 25.93
CA ILE A 259 -3.15 -7.96 26.48
C ILE A 259 -1.87 -8.73 26.18
N GLY A 260 -0.96 -8.77 27.16
CA GLY A 260 0.33 -9.44 26.98
C GLY A 260 1.45 -8.46 26.72
N ASP A 261 2.59 -8.96 26.27
CA ASP A 261 3.76 -8.12 25.95
C ASP A 261 4.66 -8.93 25.02
N SER A 262 5.67 -8.31 24.41
CA SER A 262 6.45 -9.07 23.41
C SER A 262 7.05 -10.35 23.98
N LYS A 263 7.60 -10.29 25.20
CA LYS A 263 8.22 -11.46 25.80
C LYS A 263 7.24 -12.63 26.01
N SER A 264 5.99 -12.31 26.35
N SER A 264 5.99 -12.30 26.35
CA SER A 264 5.01 -13.35 26.67
CA SER A 264 4.97 -13.31 26.66
C SER A 264 4.11 -13.64 25.45
C SER A 264 4.14 -13.66 25.44
N SER A 265 4.43 -13.05 24.29
CA SER A 265 3.49 -13.05 23.17
C SER A 265 3.29 -14.39 22.48
N GLN A 266 4.22 -15.32 22.69
CA GLN A 266 4.12 -16.64 22.04
C GLN A 266 3.34 -17.64 22.87
N TRP A 267 2.73 -17.15 23.96
CA TRP A 267 1.84 -17.97 24.78
C TRP A 267 0.42 -17.47 24.70
N ASP A 268 -0.52 -18.36 24.98
CA ASP A 268 -1.94 -17.95 24.99
C ASP A 268 -2.28 -17.16 26.25
N SER A 269 -3.09 -16.11 26.08
CA SER A 269 -3.77 -15.48 27.19
C SER A 269 -5.23 -16.01 27.31
N SER A 270 -5.85 -16.27 26.17
CA SER A 270 -7.26 -16.73 26.16
C SER A 270 -8.15 -15.73 26.89
N SER A 271 -7.87 -14.41 26.77
CA SER A 271 -8.69 -13.41 27.41
C SER A 271 -9.70 -12.81 26.44
N LYS A 272 -10.69 -12.11 27.02
CA LYS A 272 -11.81 -11.61 26.21
C LYS A 272 -11.97 -10.13 26.45
N PHE A 273 -12.04 -9.36 25.37
CA PHE A 273 -12.38 -7.94 25.42
C PHE A 273 -13.66 -7.83 24.60
N VAL A 274 -14.81 -7.82 25.31
CA VAL A 274 -16.09 -8.02 24.63
C VAL A 274 -17.19 -7.05 25.13
N ASN A 275 -18.06 -6.64 24.23
CA ASN A 275 -19.25 -5.85 24.59
C ASN A 275 -18.90 -4.54 25.30
N ASN A 276 -17.76 -3.93 24.95
CA ASN A 276 -17.42 -2.62 25.51
C ASN A 276 -17.87 -1.51 24.57
N LEU A 277 -18.02 -0.31 25.13
CA LEU A 277 -18.39 0.89 24.36
C LEU A 277 -17.18 1.82 24.48
N MET A 278 -16.68 2.29 23.33
CA MET A 278 -15.49 3.10 23.29
C MET A 278 -15.81 4.35 22.49
N ILE A 279 -15.61 5.53 23.08
CA ILE A 279 -16.07 6.77 22.47
C ILE A 279 -14.87 7.74 22.45
N ASP A 280 -14.52 8.26 21.26
CA ASP A 280 -13.41 9.24 21.15
C ASP A 280 -12.16 8.78 21.90
N MET A 281 -11.81 7.52 21.65
CA MET A 281 -10.58 6.92 22.19
C MET A 281 -9.48 7.09 21.12
N ASP A 282 -8.63 8.11 21.32
CA ASP A 282 -7.71 8.63 20.31
C ASP A 282 -6.26 8.53 20.83
N GLY A 283 -5.97 7.60 21.73
CA GLY A 283 -4.65 7.59 22.39
C GLY A 283 -3.47 7.49 21.42
N GLU A 284 -3.53 6.50 20.51
CA GLU A 284 -2.39 6.18 19.66
C GLU A 284 -2.89 5.28 18.53
N ARG A 285 -1.96 4.82 17.68
CA ARG A 285 -2.36 3.95 16.55
C ARG A 285 -3.07 2.66 17.05
N GLU A 286 -2.69 2.14 18.24
CA GLU A 286 -3.33 0.93 18.77
C GLU A 286 -4.36 1.30 19.84
N LEU A 287 -5.64 1.06 19.53
CA LEU A 287 -6.72 1.21 20.50
C LEU A 287 -6.66 0.05 21.52
N ILE A 288 -6.55 -1.16 20.99
CA ILE A 288 -6.50 -2.43 21.74
C ILE A 288 -5.28 -3.12 21.15
N SER A 289 -4.24 -3.34 21.98
CA SER A 289 -2.99 -3.95 21.49
C SER A 289 -2.92 -5.37 22.03
N ILE A 290 -3.08 -6.34 21.12
CA ILE A 290 -3.06 -7.74 21.50
C ILE A 290 -1.60 -8.24 21.30
N LYS A 291 -1.02 -8.79 22.37
CA LYS A 291 0.37 -9.22 22.41
C LYS A 291 0.46 -10.59 23.09
N SER A 292 -0.41 -11.51 22.63
CA SER A 292 -0.47 -12.85 23.20
C SER A 292 -1.49 -13.59 22.36
N GLY A 293 -1.72 -14.88 22.65
CA GLY A 293 -2.54 -15.72 21.76
C GLY A 293 -3.94 -16.05 22.27
N ASP A 294 -4.78 -16.51 21.34
CA ASP A 294 -6.08 -17.11 21.65
C ASP A 294 -7.07 -16.15 22.32
N ASN A 295 -6.97 -14.85 22.03
CA ASN A 295 -7.85 -13.84 22.58
C ASN A 295 -9.07 -13.56 21.71
N THR A 296 -10.12 -13.05 22.34
CA THR A 296 -11.37 -12.71 21.66
C THR A 296 -11.59 -11.22 21.80
N ILE A 297 -11.71 -10.50 20.66
CA ILE A 297 -11.92 -9.01 20.69
C ILE A 297 -13.19 -8.81 19.88
N SER A 298 -14.36 -8.90 20.54
CA SER A 298 -15.61 -9.10 19.79
C SER A 298 -16.79 -8.38 20.43
N GLY A 299 -17.71 -7.94 19.56
CA GLY A 299 -19.00 -7.32 19.95
C GLY A 299 -18.82 -5.92 20.54
N ASN A 300 -17.66 -5.29 20.35
CA ASN A 300 -17.45 -3.92 20.91
C ASN A 300 -18.00 -2.87 19.94
N THR A 301 -18.51 -1.78 20.51
CA THR A 301 -18.84 -0.62 19.71
C THR A 301 -17.76 0.41 19.89
N ILE A 302 -17.16 0.83 18.77
CA ILE A 302 -16.00 1.73 18.79
C ILE A 302 -16.41 2.92 17.94
N PHE A 303 -16.68 4.04 18.61
CA PHE A 303 -17.31 5.21 17.99
C PHE A 303 -16.34 6.40 17.98
N GLN A 304 -16.11 6.98 16.80
CA GLN A 304 -15.27 8.17 16.65
C GLN A 304 -13.92 7.96 17.33
N SER A 305 -13.30 6.78 17.23
CA SER A 305 -12.03 6.55 17.94
C SER A 305 -10.88 6.46 16.91
N ALA A 306 -9.97 7.42 16.98
CA ALA A 306 -8.86 7.51 16.03
C ALA A 306 -7.71 6.58 16.46
N ALA A 307 -7.99 5.29 16.44
CA ALA A 307 -7.10 4.26 17.00
C ALA A 307 -7.70 2.90 16.53
N LEU A 308 -6.84 1.93 16.22
CA LEU A 308 -7.26 0.65 15.61
C LEU A 308 -7.15 -0.51 16.58
N ILE A 309 -8.00 -1.52 16.37
CA ILE A 309 -7.73 -2.83 16.98
C ILE A 309 -6.42 -3.33 16.36
N SER A 310 -5.43 -3.70 17.20
CA SER A 310 -4.11 -4.00 16.69
C SER A 310 -3.68 -5.39 17.15
N LEU A 311 -3.63 -6.33 16.17
CA LEU A 311 -3.12 -7.67 16.44
C LEU A 311 -1.63 -7.54 16.28
N ARG A 312 -0.95 -7.24 17.39
CA ARG A 312 0.43 -6.74 17.34
C ARG A 312 1.46 -7.88 17.46
N HIS A 313 1.25 -8.77 18.43
CA HIS A 313 2.08 -9.97 18.55
C HIS A 313 1.18 -11.12 18.97
N GLY A 314 1.57 -12.36 18.68
CA GLY A 314 0.82 -13.52 19.11
C GLY A 314 -0.12 -14.02 18.05
N LYS A 315 -0.59 -15.27 18.25
CA LYS A 315 -1.26 -16.01 17.18
C LYS A 315 -2.69 -16.39 17.58
N GLY A 316 -3.52 -16.59 16.57
CA GLY A 316 -4.81 -17.20 16.79
C GLY A 316 -5.78 -16.33 17.57
N ASN A 317 -5.80 -15.04 17.27
CA ASN A 317 -6.78 -14.13 17.88
C ASN A 317 -7.98 -13.93 16.98
N THR A 318 -9.14 -13.69 17.58
CA THR A 318 -10.37 -13.56 16.80
C THR A 318 -10.98 -12.21 17.06
N VAL A 319 -11.34 -11.54 15.96
CA VAL A 319 -11.91 -10.20 16.04
C VAL A 319 -13.22 -10.27 15.28
N GLU A 320 -14.35 -10.28 16.00
CA GLU A 320 -15.63 -10.65 15.39
C GLU A 320 -16.80 -9.79 15.92
N ASN A 321 -17.75 -9.48 15.03
CA ASN A 321 -18.99 -8.85 15.47
C ASN A 321 -18.82 -7.48 16.11
N ASN A 322 -17.73 -6.78 15.80
CA ASN A 322 -17.58 -5.43 16.31
C ASN A 322 -18.30 -4.45 15.39
N MET A 323 -18.73 -3.33 16.00
CA MET A 323 -19.30 -2.20 15.28
C MET A 323 -18.38 -1.02 15.42
N ILE A 324 -17.71 -0.71 14.33
CA ILE A 324 -16.67 0.33 14.34
C ILE A 324 -17.24 1.48 13.50
N LEU A 325 -17.69 2.53 14.19
CA LEU A 325 -18.45 3.62 13.62
C LEU A 325 -17.57 4.87 13.70
N GLY A 326 -16.84 5.12 12.60
CA GLY A 326 -15.88 6.22 12.58
C GLY A 326 -16.55 7.59 12.55
N ASN A 327 -17.79 7.63 12.04
CA ASN A 327 -18.60 8.87 11.97
C ASN A 327 -17.89 10.00 11.26
N GLU A 328 -17.09 9.61 10.25
CA GLU A 328 -16.36 10.55 9.35
C GLU A 328 -15.22 11.30 10.08
N LYS A 329 -14.86 10.86 11.28
CA LYS A 329 -13.71 11.46 12.02
C LYS A 329 -12.34 11.08 11.43
N ARG A 330 -11.43 12.07 11.36
CA ARG A 330 -10.07 11.84 10.80
C ARG A 330 -9.37 10.69 11.55
N LEU A 331 -8.73 9.82 10.77
CA LEU A 331 -7.80 8.80 11.29
C LEU A 331 -8.50 7.73 12.14
N THR A 332 -9.79 7.49 11.87
CA THR A 332 -10.49 6.32 12.38
C THR A 332 -10.14 5.13 11.48
N GLY A 333 -10.44 3.93 11.94
CA GLY A 333 -10.18 2.75 11.18
C GLY A 333 -10.54 1.53 11.98
N GLY A 334 -10.33 0.36 11.38
CA GLY A 334 -10.80 -0.89 12.00
C GLY A 334 -9.72 -1.66 12.69
N ILE A 335 -9.02 -2.49 11.90
CA ILE A 335 -8.15 -3.52 12.46
C ILE A 335 -6.82 -3.52 11.67
N ARG A 336 -5.70 -3.60 12.38
CA ARG A 336 -4.37 -3.78 11.74
C ARG A 336 -3.79 -5.09 12.25
N ILE A 337 -3.07 -5.80 11.35
CA ILE A 337 -2.76 -7.23 11.60
C ILE A 337 -1.28 -7.57 11.35
N TYR A 338 -0.65 -8.13 12.40
CA TYR A 338 0.62 -8.88 12.32
C TYR A 338 0.40 -10.30 12.80
N ASP A 339 1.40 -11.18 12.53
CA ASP A 339 1.46 -12.54 13.07
C ASP A 339 0.38 -13.45 12.47
N GLU A 340 0.17 -14.62 13.07
CA GLU A 340 -0.47 -15.73 12.32
C GLU A 340 -1.80 -16.21 12.87
N ASP A 341 -2.60 -16.81 11.96
CA ASP A 341 -3.72 -17.68 12.34
C ASP A 341 -4.96 -16.92 12.87
N HIS A 342 -5.05 -15.62 12.59
CA HIS A 342 -6.17 -14.83 13.13
C HIS A 342 -7.42 -14.98 12.29
N VAL A 343 -8.54 -14.70 12.92
CA VAL A 343 -9.86 -14.75 12.25
C VAL A 343 -10.49 -13.37 12.41
N ILE A 344 -10.86 -12.75 11.29
CA ILE A 344 -11.46 -11.40 11.29
C ILE A 344 -12.81 -11.57 10.61
N ARG A 345 -13.90 -11.63 11.37
CA ARG A 345 -15.17 -12.13 10.88
C ARG A 345 -16.37 -11.28 11.37
N ASN A 346 -17.24 -10.93 10.40
CA ASN A 346 -18.54 -10.34 10.69
C ASN A 346 -18.43 -9.03 11.46
N ASN A 347 -17.45 -8.19 11.11
CA ASN A 347 -17.37 -6.87 11.65
C ASN A 347 -18.07 -5.90 10.72
N TYR A 348 -18.60 -4.82 11.30
CA TYR A 348 -19.29 -3.79 10.51
C TYR A 348 -18.49 -2.51 10.77
N ILE A 349 -17.84 -2.00 9.72
CA ILE A 349 -16.85 -0.91 9.86
C ILE A 349 -17.33 0.18 8.92
N ALA A 350 -17.69 1.35 9.47
CA ALA A 350 -18.38 2.36 8.67
C ALA A 350 -17.83 3.76 8.86
N ASN A 351 -17.78 4.52 7.76
CA ASN A 351 -17.52 5.98 7.77
C ASN A 351 -16.15 6.30 8.40
N THR A 352 -15.18 5.44 8.15
CA THR A 352 -13.80 5.68 8.60
C THR A 352 -13.02 6.52 7.57
N ARG A 353 -11.98 7.19 8.05
CA ARG A 353 -11.26 8.20 7.24
C ARG A 353 -9.80 8.16 7.56
N GLY A 354 -8.97 8.38 6.53
CA GLY A 354 -7.55 8.55 6.71
C GLY A 354 -6.68 7.31 6.51
N ARG A 355 -5.45 7.56 6.07
CA ARG A 355 -4.56 6.45 5.79
C ARG A 355 -3.28 6.50 6.61
N ASP A 356 -2.70 7.71 6.71
CA ASP A 356 -1.34 7.81 7.29
C ASP A 356 -1.40 8.50 8.66
N GLY A 357 -0.94 7.80 9.70
CA GLY A 357 -0.86 8.40 11.03
C GLY A 357 0.12 9.55 11.06
N VAL A 358 -0.03 10.38 12.10
CA VAL A 358 0.74 11.63 12.17
C VAL A 358 2.24 11.41 12.53
N ILE A 359 2.53 10.35 13.28
CA ILE A 359 3.88 10.07 13.70
C ILE A 359 4.46 9.05 12.71
N GLU A 360 5.57 9.38 12.05
CA GLU A 360 6.21 8.49 11.06
C GLU A 360 7.08 7.45 11.72
N GLY A 361 7.33 6.35 10.99
CA GLY A 361 8.31 5.33 11.41
C GLY A 361 7.72 4.25 12.28
N ASN A 362 6.41 4.31 12.55
CA ASN A 362 5.73 3.33 13.42
C ASN A 362 4.75 2.45 12.63
N ALA A 363 4.92 2.39 11.29
CA ALA A 363 4.07 1.54 10.42
C ALA A 363 2.58 1.85 10.63
N ASP A 364 2.29 3.12 10.90
CA ASP A 364 0.93 3.56 11.25
C ASP A 364 0.11 3.82 9.97
N LEU A 365 -0.34 2.70 9.40
CA LEU A 365 -1.11 2.67 8.14
C LEU A 365 -2.52 2.27 8.54
N ARG A 366 -3.49 3.13 8.20
CA ARG A 366 -4.88 2.97 8.65
C ARG A 366 -5.83 2.65 7.51
N GLY A 367 -6.96 2.07 7.88
CA GLY A 367 -8.02 1.75 6.97
C GLY A 367 -8.99 0.85 7.72
N GLY A 368 -9.96 0.27 7.00
CA GLY A 368 -10.91 -0.69 7.60
C GLY A 368 -10.22 -1.93 8.15
N ILE A 369 -9.46 -2.58 7.27
CA ILE A 369 -8.70 -3.80 7.64
C ILE A 369 -7.37 -3.66 6.96
N VAL A 370 -6.29 -3.68 7.76
CA VAL A 370 -4.94 -3.43 7.25
C VAL A 370 -4.09 -4.68 7.44
N ILE A 371 -3.60 -5.25 6.33
CA ILE A 371 -2.74 -6.43 6.42
C ILE A 371 -1.30 -5.90 6.39
N ASN A 372 -0.64 -5.85 7.56
CA ASN A 372 0.65 -5.13 7.64
C ASN A 372 1.74 -5.88 6.86
N THR A 373 2.77 -5.17 6.38
CA THR A 373 4.02 -5.88 6.02
C THR A 373 4.74 -6.26 7.31
N GLY A 374 5.65 -7.25 7.25
CA GLY A 374 6.54 -7.51 8.39
C GLY A 374 7.97 -7.69 7.91
N ILE A 375 8.83 -8.20 8.78
CA ILE A 375 10.28 -8.21 8.49
C ILE A 375 10.83 -9.63 8.40
N ILE A 376 9.92 -10.62 8.35
CA ILE A 376 10.35 -12.03 8.30
C ILE A 376 9.63 -12.78 7.16
N ASP A 377 10.35 -13.74 6.59
CA ASP A 377 9.87 -14.55 5.47
C ASP A 377 9.03 -15.72 5.95
N VAL A 378 7.79 -15.41 6.38
CA VAL A 378 6.87 -16.43 6.87
C VAL A 378 6.44 -17.44 5.82
N ALA A 379 6.50 -17.05 4.55
CA ALA A 379 6.16 -18.01 3.48
C ALA A 379 7.17 -19.18 3.46
N ASN A 380 8.38 -18.95 3.98
CA ASN A 380 9.41 -19.98 4.11
C ASN A 380 9.65 -20.41 5.53
N GLY A 381 8.68 -20.09 6.40
CA GLY A 381 8.65 -20.65 7.76
C GLY A 381 9.41 -19.84 8.79
N GLU A 382 9.89 -18.63 8.42
CA GLU A 382 10.65 -17.82 9.36
C GLU A 382 9.76 -17.32 10.52
N GLN A 383 10.36 -17.24 11.71
CA GLN A 383 9.69 -16.73 12.93
C GLN A 383 10.43 -15.50 13.48
N LEU A 384 9.75 -14.69 14.33
CA LEU A 384 10.52 -13.84 15.24
C LEU A 384 11.10 -14.76 16.33
N ASP A 385 12.22 -14.36 16.88
CA ASP A 385 12.95 -15.25 17.78
C ASP A 385 13.85 -14.30 18.54
N GLN A 386 13.75 -14.32 19.87
CA GLN A 386 14.54 -13.40 20.66
C GLN A 386 16.08 -13.54 20.42
N SER A 387 16.53 -14.73 19.99
CA SER A 387 17.94 -15.06 19.74
C SER A 387 18.51 -14.45 18.46
N VAL A 388 17.63 -14.06 17.55
CA VAL A 388 18.06 -13.59 16.24
C VAL A 388 18.11 -12.05 16.19
N LYS A 389 19.33 -11.49 16.04
CA LYS A 389 19.50 -10.02 16.11
C LYS A 389 18.70 -9.37 14.98
N GLY A 390 17.85 -8.40 15.34
CA GLY A 390 17.02 -7.72 14.37
C GLY A 390 15.65 -8.37 14.15
N LYS A 391 15.46 -9.62 14.61
CA LYS A 391 14.16 -10.31 14.42
C LYS A 391 13.62 -10.79 15.75
N GLU A 392 13.78 -9.92 16.76
CA GLU A 392 13.36 -10.24 18.11
C GLU A 392 11.83 -10.21 18.28
N LEU A 393 11.36 -10.63 19.45
CA LEU A 393 9.90 -10.80 19.63
C LEU A 393 9.14 -9.47 19.65
N ASN A 394 9.81 -8.32 19.86
CA ASN A 394 9.13 -7.05 19.79
C ASN A 394 9.12 -6.44 18.41
N LYS A 395 9.61 -7.20 17.41
CA LYS A 395 9.61 -6.68 16.05
C LYS A 395 8.28 -7.01 15.30
N GLN A 396 8.33 -7.24 13.98
CA GLN A 396 7.12 -7.24 13.15
C GLN A 396 6.96 -8.55 12.42
N TRP A 397 6.03 -9.38 12.91
CA TRP A 397 5.84 -10.73 12.40
C TRP A 397 4.90 -10.62 11.18
N THR A 398 5.41 -10.89 9.98
CA THR A 398 4.61 -10.80 8.72
C THR A 398 3.35 -11.66 8.88
N PRO A 399 2.16 -11.10 8.57
CA PRO A 399 0.94 -11.90 8.83
C PRO A 399 0.88 -13.16 7.93
N LYS A 400 0.33 -14.24 8.44
CA LYS A 400 0.17 -15.46 7.66
C LYS A 400 -1.06 -16.21 8.12
N ASN A 401 -1.79 -16.79 7.16
CA ASN A 401 -2.90 -17.71 7.47
C ASN A 401 -3.98 -16.92 8.22
N ILE A 402 -4.39 -15.83 7.61
CA ILE A 402 -5.44 -14.96 8.18
C ILE A 402 -6.74 -15.20 7.42
N THR A 403 -7.85 -15.40 8.14
CA THR A 403 -9.16 -15.56 7.51
C THR A 403 -9.91 -14.26 7.69
N ILE A 404 -10.34 -13.66 6.59
CA ILE A 404 -11.02 -12.34 6.63
C ILE A 404 -12.33 -12.56 5.91
N GLU A 405 -13.40 -12.75 6.67
CA GLU A 405 -14.66 -13.22 6.05
C GLU A 405 -15.90 -12.54 6.57
N ASN A 406 -16.85 -12.26 5.68
CA ASN A 406 -18.16 -11.76 6.06
C ASN A 406 -18.08 -10.43 6.80
N ASN A 407 -17.13 -9.57 6.41
CA ASN A 407 -17.09 -8.23 6.96
C ASN A 407 -17.87 -7.30 6.03
N SER A 408 -18.49 -6.26 6.60
CA SER A 408 -19.09 -5.18 5.82
C SER A 408 -18.35 -3.90 6.13
N LEU A 409 -17.73 -3.31 5.09
CA LEU A 409 -17.05 -2.03 5.19
C LEU A 409 -17.90 -1.06 4.40
N VAL A 410 -18.43 -0.03 5.07
CA VAL A 410 -19.39 0.87 4.42
C VAL A 410 -18.85 2.29 4.46
N ASP A 411 -18.66 2.93 3.28
CA ASP A 411 -18.17 4.30 3.26
C ASP A 411 -16.84 4.41 4.04
N THR A 412 -15.91 3.49 3.75
CA THR A 412 -14.61 3.54 4.35
C THR A 412 -13.65 4.16 3.34
N GLU A 413 -13.02 5.29 3.70
CA GLU A 413 -12.15 6.02 2.73
C GLU A 413 -11.01 5.11 2.24
N TRP A 414 -10.47 4.30 3.14
CA TRP A 414 -9.49 3.28 2.83
C TRP A 414 -10.06 1.96 3.39
N GLY A 415 -10.43 1.01 2.53
CA GLY A 415 -11.21 -0.16 3.00
C GLY A 415 -10.33 -1.29 3.46
N ILE A 416 -10.06 -2.26 2.56
CA ILE A 416 -9.10 -3.32 2.91
C ILE A 416 -7.76 -2.85 2.33
N VAL A 417 -6.77 -2.66 3.17
CA VAL A 417 -5.50 -2.05 2.75
C VAL A 417 -4.42 -3.12 2.83
N TYR A 418 -3.81 -3.44 1.69
CA TYR A 418 -2.66 -4.37 1.68
C TYR A 418 -1.44 -3.55 2.02
N GLY A 419 -0.73 -3.94 3.09
CA GLY A 419 0.33 -3.10 3.63
C GLY A 419 1.52 -2.81 2.69
N ASN A 420 2.18 -1.69 2.95
CA ASN A 420 3.41 -1.33 2.25
C ASN A 420 4.33 -0.61 3.22
N GLN A 421 4.15 -0.84 4.54
CA GLN A 421 4.97 -0.07 5.49
C GLN A 421 6.44 -0.44 5.46
N SER A 422 7.26 0.59 5.65
N SER A 422 7.28 0.57 5.61
CA SER A 422 8.66 0.41 6.07
CA SER A 422 8.66 0.34 6.04
C SER A 422 8.70 0.28 7.61
C SER A 422 8.62 0.09 7.56
N HIS A 423 9.74 -0.36 8.12
CA HIS A 423 9.84 -0.62 9.55
C HIS A 423 11.21 -0.15 10.00
N ARG A 424 11.26 0.45 11.16
CA ARG A 424 12.55 0.86 11.75
C ARG A 424 13.02 -0.18 12.73
N VAL A 425 14.30 -0.11 13.11
CA VAL A 425 14.87 -1.15 13.98
C VAL A 425 14.12 -1.25 15.33
N SER A 426 13.83 -0.11 15.93
CA SER A 426 13.07 -0.10 17.20
C SER A 426 12.43 1.25 17.38
N LEU A 427 11.71 1.48 18.49
CA LEU A 427 11.14 2.82 18.69
C LEU A 427 12.22 3.85 18.97
N PHE A 428 13.42 3.36 19.33
CA PHE A 428 14.55 4.23 19.73
C PHE A 428 15.63 4.34 18.65
N ASN A 429 15.64 3.39 17.71
CA ASN A 429 16.63 3.32 16.64
C ASN A 429 15.91 3.56 15.31
N ASN A 430 16.20 4.71 14.70
CA ASN A 430 15.44 5.15 13.54
C ASN A 430 15.94 4.59 12.19
N ALA A 431 16.99 3.73 12.21
CA ALA A 431 17.44 3.07 10.97
C ALA A 431 16.31 2.18 10.38
N GLU A 432 16.20 2.17 9.05
CA GLU A 432 15.21 1.36 8.34
C GLU A 432 15.71 -0.09 8.18
N VAL A 433 14.80 -1.01 8.46
CA VAL A 433 15.09 -2.44 8.27
C VAL A 433 15.05 -2.77 6.79
N GLU A 434 15.98 -3.64 6.35
CA GLU A 434 16.00 -4.16 4.98
C GLU A 434 15.41 -5.55 4.98
N GLY A 435 14.55 -5.82 4.02
CA GLY A 435 13.90 -7.12 3.90
C GLY A 435 12.51 -7.00 4.49
N ILE A 436 11.56 -6.61 3.65
CA ILE A 436 10.17 -6.37 4.06
C ILE A 436 9.28 -7.30 3.23
N TYR A 437 8.32 -7.93 3.89
CA TYR A 437 7.51 -9.06 3.33
C TYR A 437 6.03 -8.80 3.45
N ALA A 438 5.29 -9.19 2.43
CA ALA A 438 3.83 -9.04 2.40
C ALA A 438 3.12 -10.20 3.08
N GLY A 439 1.88 -9.96 3.50
CA GLY A 439 1.08 -11.03 4.07
C GLY A 439 0.98 -12.28 3.20
N VAL A 440 0.88 -13.43 3.87
CA VAL A 440 0.94 -14.75 3.24
C VAL A 440 -0.33 -15.56 3.59
N ASP A 441 -0.95 -16.22 2.60
CA ASP A 441 -2.08 -17.15 2.85
C ASP A 441 -3.21 -16.35 3.52
N ILE A 442 -3.52 -15.22 2.92
CA ILE A 442 -4.65 -14.38 3.38
C ILE A 442 -5.91 -14.80 2.60
N ALA A 443 -6.92 -15.36 3.29
CA ALA A 443 -8.12 -15.88 2.63
C ALA A 443 -9.29 -14.91 2.83
N PHE A 444 -9.74 -14.29 1.76
CA PHE A 444 -10.87 -13.33 1.81
C PHE A 444 -12.11 -14.05 1.32
N LYS A 445 -13.19 -14.02 2.11
CA LYS A 445 -14.48 -14.64 1.67
C LYS A 445 -15.66 -13.84 2.10
N HIS A 446 -16.56 -13.63 1.15
CA HIS A 446 -17.88 -13.00 1.45
C HIS A 446 -17.80 -11.63 2.07
N ASN A 447 -16.71 -10.88 1.85
CA ASN A 447 -16.70 -9.49 2.31
C ASN A 447 -17.44 -8.57 1.37
N VAL A 448 -18.02 -7.50 1.90
CA VAL A 448 -18.59 -6.44 1.09
C VAL A 448 -17.88 -5.16 1.47
N VAL A 449 -17.30 -4.48 0.47
CA VAL A 449 -16.75 -3.12 0.69
C VAL A 449 -17.59 -2.24 -0.17
N ASP A 450 -18.44 -1.44 0.48
CA ASP A 450 -19.48 -0.66 -0.19
C ASP A 450 -19.13 0.82 -0.13
N ASN A 451 -18.43 1.28 -1.18
CA ASN A 451 -18.24 2.70 -1.36
C ASN A 451 -19.13 3.23 -2.49
N SER A 452 -20.36 2.73 -2.59
N SER A 452 -20.36 2.72 -2.58
CA SER A 452 -21.30 3.24 -3.61
CA SER A 452 -21.36 3.22 -3.55
C SER A 452 -21.55 4.75 -3.45
C SER A 452 -21.61 4.72 -3.43
N GLN A 453 -21.57 5.24 -2.20
CA GLN A 453 -21.91 6.65 -1.94
C GLN A 453 -20.82 7.59 -2.51
N THR A 454 -19.55 7.20 -2.29
CA THR A 454 -18.38 7.99 -2.71
C THR A 454 -17.40 7.03 -3.34
N PRO A 455 -17.62 6.72 -4.63
CA PRO A 455 -16.82 5.65 -5.25
C PRO A 455 -15.36 6.00 -5.54
N GLU A 456 -14.99 7.26 -5.33
CA GLU A 456 -13.60 7.69 -5.45
C GLU A 456 -12.81 7.17 -4.24
N PHE A 457 -13.49 6.81 -3.16
CA PHE A 457 -12.79 6.20 -2.00
C PHE A 457 -12.18 4.85 -2.42
N VAL A 458 -11.14 4.41 -1.71
CA VAL A 458 -10.37 3.21 -2.10
C VAL A 458 -10.90 2.04 -1.30
N SER A 459 -11.69 1.21 -1.96
CA SER A 459 -12.30 0.05 -1.34
C SER A 459 -11.24 -1.02 -1.03
N VAL A 460 -10.34 -1.29 -1.99
CA VAL A 460 -9.25 -2.25 -1.71
C VAL A 460 -7.96 -1.63 -2.25
N ARG A 461 -6.95 -1.51 -1.39
CA ARG A 461 -5.68 -0.90 -1.75
C ARG A 461 -4.67 -2.04 -1.93
N ALA A 462 -4.65 -2.66 -3.11
CA ALA A 462 -3.60 -3.64 -3.40
C ALA A 462 -2.38 -2.89 -3.90
N THR A 463 -1.20 -3.54 -3.86
CA THR A 463 -0.02 -2.85 -4.32
C THR A 463 1.03 -3.82 -4.87
N HIS A 464 1.52 -3.50 -6.07
CA HIS A 464 2.62 -4.25 -6.66
C HIS A 464 3.92 -4.08 -5.88
N ASP A 465 4.00 -3.10 -4.98
CA ASP A 465 5.23 -2.96 -4.21
C ASP A 465 5.37 -4.15 -3.24
N PHE A 466 4.22 -4.70 -2.80
CA PHE A 466 4.16 -5.81 -1.84
C PHE A 466 2.98 -6.72 -2.16
N PRO A 467 3.10 -7.55 -3.20
CA PRO A 467 1.97 -8.41 -3.55
C PRO A 467 1.74 -9.44 -2.43
N LEU A 468 0.48 -9.65 -2.04
CA LEU A 468 0.19 -10.77 -1.13
C LEU A 468 0.62 -12.09 -1.78
N VAL A 469 1.08 -13.02 -0.96
CA VAL A 469 1.52 -14.34 -1.42
C VAL A 469 0.44 -15.35 -1.02
N GLY A 470 -0.10 -16.11 -1.97
CA GLY A 470 -1.09 -17.16 -1.62
C GLY A 470 -2.43 -16.59 -1.17
N ALA A 471 -2.78 -15.38 -1.60
CA ALA A 471 -4.09 -14.81 -1.27
C ALA A 471 -5.19 -15.53 -2.07
N THR A 472 -6.35 -15.72 -1.44
CA THR A 472 -7.53 -16.31 -2.12
C THR A 472 -8.74 -15.44 -1.94
N TYR A 473 -9.64 -15.48 -2.93
CA TYR A 473 -10.83 -14.63 -2.99
C TYR A 473 -12.02 -15.50 -3.32
N THR A 474 -13.02 -15.48 -2.42
CA THR A 474 -14.27 -16.24 -2.63
C THR A 474 -15.45 -15.33 -2.45
N ASP A 475 -16.18 -15.02 -3.54
CA ASP A 475 -17.44 -14.23 -3.41
C ASP A 475 -17.23 -12.87 -2.72
N GLU A 476 -16.17 -12.17 -3.12
CA GLU A 476 -15.91 -10.82 -2.67
C GLU A 476 -16.71 -9.81 -3.50
N THR A 477 -17.14 -8.72 -2.87
CA THR A 477 -17.83 -7.63 -3.55
C THR A 477 -17.14 -6.32 -3.17
N TYR A 478 -16.55 -5.64 -4.16
CA TYR A 478 -15.83 -4.38 -3.89
C TYR A 478 -16.40 -3.33 -4.83
N VAL A 479 -17.00 -2.29 -4.25
CA VAL A 479 -17.62 -1.23 -5.00
C VAL A 479 -16.84 0.03 -4.61
N GLY A 480 -16.28 0.75 -5.59
CA GLY A 480 -15.36 1.86 -5.35
C GLY A 480 -13.97 1.53 -5.90
N GLN A 481 -13.00 2.44 -5.71
CA GLN A 481 -11.71 2.25 -6.36
C GLN A 481 -11.00 0.99 -5.81
N VAL A 482 -10.34 0.27 -6.71
CA VAL A 482 -9.47 -0.83 -6.35
C VAL A 482 -8.13 -0.53 -6.99
N THR A 483 -7.07 -0.37 -6.20
CA THR A 483 -5.72 -0.04 -6.75
C THR A 483 -5.04 -1.37 -7.10
N ASP A 484 -4.23 -1.35 -8.16
CA ASP A 484 -3.48 -2.53 -8.61
C ASP A 484 -4.39 -3.74 -8.65
N SER A 485 -5.58 -3.53 -9.24
CA SER A 485 -6.67 -4.54 -9.18
C SER A 485 -6.31 -5.85 -9.85
N GLU A 486 -5.36 -5.82 -10.81
CA GLU A 486 -4.96 -7.00 -11.52
C GLU A 486 -4.30 -8.01 -10.57
N LEU A 487 -3.95 -7.58 -9.34
CA LEU A 487 -3.41 -8.55 -8.35
C LEU A 487 -4.47 -9.42 -7.70
N ILE A 488 -5.74 -9.11 -7.91
CA ILE A 488 -6.84 -9.82 -7.27
C ILE A 488 -7.51 -10.73 -8.29
N GLU A 489 -7.62 -12.02 -7.95
CA GLU A 489 -8.11 -13.02 -8.91
C GLU A 489 -9.51 -12.68 -9.45
N SER A 490 -10.43 -12.41 -8.55
CA SER A 490 -11.78 -12.02 -8.99
C SER A 490 -12.56 -11.40 -7.84
N TYR A 491 -13.53 -10.57 -8.23
CA TYR A 491 -14.45 -9.96 -7.31
C TYR A 491 -15.61 -9.38 -8.12
N SER A 492 -16.73 -9.12 -7.43
CA SER A 492 -17.90 -8.53 -8.05
C SER A 492 -17.88 -7.05 -7.75
N VAL A 493 -18.38 -6.27 -8.70
CA VAL A 493 -18.57 -4.84 -8.51
C VAL A 493 -20.07 -4.50 -8.43
N GLU A 494 -20.96 -5.50 -8.34
CA GLU A 494 -22.39 -5.23 -8.18
C GLU A 494 -22.81 -5.60 -6.78
N LEU A 495 -23.37 -4.66 -6.03
CA LEU A 495 -23.88 -5.02 -4.68
C LEU A 495 -25.04 -5.99 -4.76
N PRO A 496 -25.10 -6.93 -3.79
CA PRO A 496 -26.32 -7.72 -3.61
C PRO A 496 -27.47 -6.77 -3.19
N LYS A 497 -28.73 -7.27 -3.15
CA LYS A 497 -29.83 -6.45 -2.60
C LYS A 497 -29.46 -5.94 -1.21
N VAL A 498 -29.65 -4.65 -0.99
CA VAL A 498 -29.37 -4.01 0.27
C VAL A 498 -30.72 -3.74 0.96
N THR A 499 -30.81 -4.15 2.22
CA THR A 499 -31.91 -3.74 3.09
C THR A 499 -31.36 -3.05 4.32
N VAL A 500 -32.18 -2.29 5.03
CA VAL A 500 -31.72 -1.77 6.31
C VAL A 500 -32.41 -2.47 7.47
N GLU A 501 -31.62 -3.06 8.39
CA GLU A 501 -32.18 -3.75 9.60
C GLU A 501 -31.61 -3.18 10.93
N ASN A 502 -32.48 -2.59 11.77
CA ASN A 502 -32.01 -1.89 12.96
C ASN A 502 -30.98 -0.80 12.55
N GLY A 503 -31.18 -0.17 11.38
CA GLY A 503 -30.30 0.90 10.91
C GLY A 503 -29.00 0.42 10.25
N LEU A 504 -28.74 -0.89 10.27
CA LEU A 504 -27.54 -1.38 9.62
C LEU A 504 -27.82 -1.72 8.16
N ASN A 505 -26.83 -1.59 7.26
CA ASN A 505 -27.01 -2.18 5.91
C ASN A 505 -26.83 -3.69 5.96
N ALA A 506 -27.80 -4.40 5.43
CA ALA A 506 -27.70 -5.86 5.25
C ALA A 506 -27.60 -6.18 3.73
N TYR A 507 -26.64 -7.01 3.36
CA TYR A 507 -26.37 -7.32 1.95
C TYR A 507 -26.80 -8.76 1.75
N GLN A 508 -27.72 -9.00 0.80
CA GLN A 508 -28.29 -10.34 0.68
C GLN A 508 -27.22 -11.40 0.42
N GLY A 509 -27.06 -12.33 1.36
CA GLY A 509 -26.14 -13.47 1.19
C GLY A 509 -24.64 -13.19 1.39
N GLU A 510 -24.26 -11.95 1.72
CA GLU A 510 -22.83 -11.55 1.77
C GLU A 510 -22.58 -10.58 2.92
N GLY A 511 -21.31 -10.35 3.27
CA GLY A 511 -21.01 -9.32 4.24
C GLY A 511 -21.40 -9.73 5.66
N ALA A 512 -21.43 -8.76 6.56
CA ALA A 512 -21.67 -9.07 7.97
C ALA A 512 -23.15 -9.38 8.17
N ASP A 513 -23.43 -10.51 8.82
CA ASP A 513 -24.80 -10.91 9.17
C ASP A 513 -25.28 -9.94 10.27
N VAL A 514 -26.26 -9.08 9.95
CA VAL A 514 -26.70 -8.08 10.94
C VAL A 514 -27.37 -8.70 12.18
N SER A 515 -27.80 -9.97 12.08
CA SER A 515 -28.40 -10.62 13.25
C SER A 515 -27.37 -10.89 14.35
N LYS A 516 -26.06 -10.79 14.03
CA LYS A 516 -25.01 -10.96 15.01
C LYS A 516 -24.49 -9.65 15.56
N LEU A 517 -25.06 -8.54 15.10
CA LEU A 517 -24.54 -7.22 15.42
C LEU A 517 -25.51 -6.41 16.26
N SER A 518 -25.02 -5.66 17.22
CA SER A 518 -25.84 -4.69 17.93
C SER A 518 -24.94 -3.61 18.52
N VAL A 519 -25.47 -2.38 18.57
CA VAL A 519 -24.76 -1.25 19.11
C VAL A 519 -24.79 -1.37 20.64
N VAL A 520 -23.62 -1.29 21.27
CA VAL A 520 -23.52 -1.25 22.74
C VAL A 520 -23.75 0.18 23.20
N THR A 521 -24.70 0.32 24.14
CA THR A 521 -24.94 1.60 24.79
C THR A 521 -24.87 1.47 26.31
N ALA A 522 -25.06 2.60 26.98
CA ALA A 522 -25.08 2.61 28.46
C ALA A 522 -26.25 1.79 29.03
N GLU A 523 -27.21 1.36 28.20
CA GLU A 523 -28.21 0.39 28.65
C GLU A 523 -27.57 -0.91 29.24
N THR A 524 -26.44 -1.35 28.66
CA THR A 524 -25.70 -2.52 29.23
C THR A 524 -24.27 -2.23 29.66
N ALA A 525 -23.68 -1.16 29.11
CA ALA A 525 -22.25 -0.91 29.37
C ALA A 525 -22.07 0.12 30.47
N GLY A 526 -20.99 -0.04 31.21
CA GLY A 526 -20.61 0.94 32.24
C GLY A 526 -21.36 0.74 33.55
N PRO A 527 -21.10 1.63 34.51
CA PRO A 527 -21.67 1.51 35.85
C PRO A 527 -23.15 1.90 35.86
N ASP A 528 -23.77 1.81 37.03
CA ASP A 528 -25.20 2.15 37.16
C ASP A 528 -25.45 3.58 37.61
N TYR A 529 -24.43 4.44 37.51
CA TYR A 529 -24.56 5.86 37.93
C TYR A 529 -23.72 6.70 36.98
N VAL A 530 -24.00 7.99 36.98
CA VAL A 530 -23.18 9.03 36.36
C VAL A 530 -22.79 10.05 37.43
N LEU A 531 -21.65 10.70 37.24
CA LEU A 531 -21.13 11.66 38.25
C LEU A 531 -21.32 13.08 37.82
N GLU A 532 -21.69 13.95 38.78
CA GLU A 532 -21.79 15.41 38.59
C GLU A 532 -20.78 16.10 39.46
N ASN A 533 -20.36 17.29 39.02
CA ASN A 533 -19.41 18.09 39.82
C ASN A 533 -18.05 17.43 39.97
N THR A 534 -17.66 16.71 38.92
CA THR A 534 -16.31 16.23 38.77
C THR A 534 -15.38 17.36 38.32
N THR A 535 -14.06 17.10 38.40
CA THR A 535 -13.04 18.06 37.88
C THR A 535 -11.98 17.24 37.17
N LYS A 536 -11.60 17.68 35.97
CA LYS A 536 -10.56 16.99 35.18
C LYS A 536 -9.19 17.18 35.85
N PRO B 38 -7.44 18.98 -12.93
CA PRO B 38 -7.89 19.17 -14.31
C PRO B 38 -8.74 18.00 -14.81
N SER B 39 -9.68 18.27 -15.71
CA SER B 39 -10.36 17.16 -16.42
C SER B 39 -9.35 16.56 -17.39
N ILE B 40 -9.66 15.37 -17.96
CA ILE B 40 -8.69 14.60 -18.79
C ILE B 40 -8.12 15.46 -19.90
N SER B 41 -9.00 16.21 -20.56
CA SER B 41 -8.58 16.97 -21.73
C SER B 41 -7.65 18.13 -21.37
N GLU B 42 -7.71 18.58 -20.12
CA GLU B 42 -6.92 19.68 -19.61
C GLU B 42 -5.64 19.26 -18.90
N ILE B 43 -5.40 17.97 -18.75
CA ILE B 43 -4.12 17.53 -18.18
C ILE B 43 -2.95 18.05 -19.00
N ASP B 44 -1.88 18.44 -18.32
CA ASP B 44 -0.65 18.86 -18.96
C ASP B 44 0.51 18.39 -18.10
N ARG B 45 1.72 18.55 -18.59
CA ARG B 45 2.85 18.04 -17.85
C ARG B 45 3.05 18.73 -16.52
N SER B 46 2.76 20.03 -16.43
CA SER B 46 2.89 20.74 -15.17
C SER B 46 2.06 20.01 -14.08
N TYR B 47 0.82 19.65 -14.41
CA TYR B 47 -0.03 18.94 -13.49
C TYR B 47 0.52 17.57 -13.11
N LEU B 48 0.92 16.81 -14.13
CA LEU B 48 1.40 15.44 -13.91
C LEU B 48 2.65 15.41 -13.06
N LEU B 49 3.48 16.46 -13.18
CA LEU B 49 4.78 16.52 -12.51
C LEU B 49 4.75 17.23 -11.16
N SER B 50 3.59 17.76 -10.77
N SER B 50 3.58 17.74 -10.77
CA SER B 50 3.47 18.54 -9.53
CA SER B 50 3.41 18.54 -9.55
C SER B 50 3.22 17.67 -8.29
C SER B 50 3.20 17.69 -8.29
N SER B 51 3.92 17.99 -7.20
CA SER B 51 3.62 17.37 -5.91
C SER B 51 4.29 18.21 -4.83
N ASP B 52 3.55 18.46 -3.76
CA ASP B 52 4.07 19.19 -2.60
C ASP B 52 5.14 18.44 -1.86
N ARG B 53 5.27 17.14 -2.14
CA ARG B 53 6.29 16.34 -1.44
C ARG B 53 7.71 16.59 -1.98
N LEU B 54 7.82 17.22 -3.14
CA LEU B 54 9.13 17.31 -3.82
C LEU B 54 10.01 18.42 -3.24
N THR B 55 11.24 18.06 -2.90
CA THR B 55 12.31 19.02 -2.50
C THR B 55 12.99 19.55 -3.75
N GLU B 56 13.43 20.81 -3.78
CA GLU B 56 14.22 21.31 -4.93
C GLU B 56 15.71 21.19 -4.62
N VAL B 57 16.49 20.60 -5.52
CA VAL B 57 17.97 20.55 -5.39
C VAL B 57 18.60 21.40 -6.51
N ASP B 58 19.34 22.45 -6.12
CA ASP B 58 19.97 23.37 -7.08
C ASP B 58 21.40 22.92 -7.31
N GLY B 59 21.69 22.45 -8.53
CA GLY B 59 23.05 21.99 -8.85
C GLY B 59 24.11 23.05 -8.61
N ASN B 60 23.72 24.32 -8.71
CA ASN B 60 24.72 25.39 -8.56
C ASN B 60 25.21 25.58 -7.11
N THR B 61 24.61 24.87 -6.16
CA THR B 61 25.07 24.87 -4.77
C THR B 61 26.07 23.73 -4.50
N LEU B 62 26.29 22.86 -5.50
CA LEU B 62 27.14 21.69 -5.32
C LEU B 62 28.59 21.99 -5.75
N ASP B 63 29.55 21.62 -4.91
CA ASP B 63 30.94 21.78 -5.25
C ASP B 63 31.40 20.67 -6.19
N VAL B 64 32.34 20.99 -7.08
CA VAL B 64 32.93 20.01 -8.00
C VAL B 64 34.07 19.32 -7.29
N ALA B 65 33.96 18.00 -7.11
CA ALA B 65 35.03 17.22 -6.51
C ALA B 65 36.34 17.24 -7.32
N SER B 66 37.48 17.33 -6.62
CA SER B 66 38.79 17.25 -7.27
C SER B 66 39.03 15.82 -7.77
N GLU B 67 40.03 15.65 -8.64
CA GLU B 67 40.41 14.30 -9.08
C GLU B 67 40.77 13.40 -7.89
N GLU B 68 41.48 13.95 -6.91
CA GLU B 68 41.83 13.22 -5.67
C GLU B 68 40.58 12.79 -4.90
N GLN B 69 39.62 13.70 -4.77
CA GLN B 69 38.31 13.36 -4.15
C GLN B 69 37.53 12.29 -4.93
N VAL B 70 37.49 12.39 -6.26
CA VAL B 70 36.83 11.36 -7.07
C VAL B 70 37.53 10.00 -6.87
N ALA B 71 38.86 9.99 -6.90
CA ALA B 71 39.62 8.75 -6.69
C ALA B 71 39.36 8.14 -5.30
N ALA B 72 39.23 9.00 -4.30
CA ALA B 72 39.00 8.54 -2.93
C ALA B 72 37.58 7.96 -2.78
N LEU B 73 36.60 8.57 -3.41
CA LEU B 73 35.24 8.01 -3.47
C LEU B 73 35.25 6.65 -4.20
N LYS B 74 35.91 6.57 -5.35
CA LYS B 74 35.93 5.31 -6.12
C LYS B 74 36.56 4.14 -5.31
N ALA B 75 37.59 4.42 -4.52
CA ALA B 75 38.21 3.36 -3.74
C ALA B 75 37.28 2.91 -2.63
N GLN B 76 36.52 3.85 -2.06
CA GLN B 76 35.49 3.51 -1.04
C GLN B 76 34.54 2.48 -1.64
N PHE B 77 34.06 2.75 -2.86
CA PHE B 77 33.12 1.86 -3.53
C PHE B 77 33.68 0.44 -3.73
N GLU B 78 34.92 0.37 -4.17
CA GLU B 78 35.49 -0.93 -4.56
C GLU B 78 36.08 -1.70 -3.37
N ASN B 79 36.16 -1.02 -2.21
CA ASN B 79 36.64 -1.64 -0.97
C ASN B 79 35.53 -2.00 0.00
N LEU B 80 34.28 -1.79 -0.41
CA LEU B 80 33.12 -2.14 0.42
C LEU B 80 33.13 -3.58 0.91
N LYS B 81 32.79 -3.74 2.18
CA LYS B 81 32.58 -5.08 2.76
C LYS B 81 31.08 -5.33 2.76
N ASP B 82 30.66 -6.58 2.75
CA ASP B 82 29.25 -6.90 2.82
C ASP B 82 28.61 -6.21 3.99
N GLY B 83 27.44 -5.66 3.76
CA GLY B 83 26.67 -5.03 4.83
C GLY B 83 26.96 -3.55 5.01
N ASP B 84 27.98 -3.03 4.33
CA ASP B 84 28.45 -1.65 4.51
C ASP B 84 27.60 -0.70 3.70
N GLU B 85 27.88 0.58 3.85
CA GLU B 85 27.24 1.55 3.00
C GLU B 85 28.18 2.68 2.71
N VAL B 86 28.00 3.32 1.56
CA VAL B 86 28.76 4.51 1.21
C VAL B 86 27.77 5.65 1.07
N VAL B 87 28.00 6.74 1.82
CA VAL B 87 27.15 7.91 1.74
C VAL B 87 27.97 8.97 1.01
N ILE B 88 27.49 9.40 -0.15
CA ILE B 88 28.26 10.28 -1.03
C ILE B 88 27.94 11.71 -0.61
N PRO B 89 28.98 12.48 -0.19
CA PRO B 89 28.72 13.88 0.20
C PRO B 89 28.19 14.68 -0.96
N ASN B 90 27.33 15.65 -0.66
CA ASN B 90 26.80 16.53 -1.72
C ASN B 90 27.93 17.04 -2.62
N GLY B 91 27.77 16.97 -3.93
CA GLY B 91 28.82 17.43 -4.84
C GLY B 91 28.65 16.85 -6.21
N LYS B 92 29.51 17.26 -7.14
CA LYS B 92 29.53 16.76 -8.52
C LYS B 92 30.84 16.00 -8.72
N TYR B 93 30.72 14.76 -9.18
CA TYR B 93 31.86 13.82 -9.28
C TYR B 93 31.99 13.39 -10.72
N ALA B 94 33.00 13.92 -11.39
CA ALA B 94 33.23 13.65 -12.83
C ALA B 94 34.07 12.40 -13.09
N ASN B 95 33.66 11.61 -14.08
CA ASN B 95 34.53 10.53 -14.60
C ASN B 95 34.94 9.48 -13.57
N LEU B 96 33.98 9.03 -12.80
CA LEU B 96 34.25 7.85 -11.94
C LEU B 96 34.66 6.62 -12.78
N GLY B 97 34.23 6.55 -14.04
CA GLY B 97 34.63 5.42 -14.90
C GLY B 97 33.98 4.13 -14.42
N GLN B 98 34.73 3.04 -14.49
CA GLN B 98 34.18 1.74 -14.20
C GLN B 98 34.22 1.46 -12.70
N VAL B 99 33.05 1.33 -12.07
CA VAL B 99 32.94 1.14 -10.62
C VAL B 99 32.30 -0.23 -10.40
N THR B 100 33.11 -1.21 -10.00
CA THR B 100 32.63 -2.57 -9.85
C THR B 100 32.34 -2.84 -8.36
N ILE B 101 31.09 -3.13 -8.05
CA ILE B 101 30.69 -3.43 -6.69
C ILE B 101 30.51 -4.93 -6.55
N THR B 102 31.43 -5.57 -5.82
CA THR B 102 31.34 -7.02 -5.63
C THR B 102 30.71 -7.40 -4.29
N ALA B 103 30.66 -6.43 -3.35
CA ALA B 103 30.04 -6.65 -2.03
C ALA B 103 28.54 -6.97 -2.16
N ASN B 104 28.04 -7.74 -1.21
CA ASN B 104 26.60 -8.00 -1.11
C ASN B 104 25.98 -7.16 0.02
N ASP B 105 24.66 -6.89 -0.07
CA ASP B 105 23.93 -6.22 1.02
C ASP B 105 24.53 -4.85 1.33
N VAL B 106 24.82 -4.09 0.28
CA VAL B 106 25.36 -2.75 0.45
C VAL B 106 24.48 -1.71 -0.17
N THR B 107 24.54 -0.51 0.39
CA THR B 107 23.86 0.64 -0.18
C THR B 107 24.86 1.73 -0.54
N ILE B 108 24.65 2.33 -1.72
CA ILE B 108 25.34 3.55 -2.11
C ILE B 108 24.27 4.58 -2.24
N ARG B 109 24.37 5.63 -1.42
CA ARG B 109 23.32 6.65 -1.41
C ARG B 109 23.90 8.06 -1.34
N ALA B 110 23.17 9.04 -1.85
CA ALA B 110 23.56 10.43 -1.64
C ALA B 110 23.29 10.84 -0.19
N GLU B 111 24.20 11.63 0.38
CA GLU B 111 23.97 12.26 1.69
C GLU B 111 22.60 12.95 1.74
N GLN B 112 22.30 13.75 0.70
CA GLN B 112 20.97 14.35 0.50
C GLN B 112 20.49 13.86 -0.86
N ALA B 113 19.29 13.26 -0.91
CA ALA B 113 18.76 12.72 -2.20
C ALA B 113 18.83 13.78 -3.31
N GLY B 114 19.36 13.39 -4.48
CA GLY B 114 19.43 14.32 -5.61
C GLY B 114 20.67 15.21 -5.62
N ALA B 115 21.51 15.15 -4.57
CA ALA B 115 22.61 16.13 -4.42
C ALA B 115 24.00 15.54 -4.65
N ALA B 116 24.04 14.28 -5.15
CA ALA B 116 25.27 13.64 -5.61
C ALA B 116 25.13 13.48 -7.11
N TRP B 117 25.76 14.37 -7.87
CA TRP B 117 25.66 14.36 -9.33
C TRP B 117 26.91 13.65 -9.86
N LEU B 118 26.68 12.60 -10.65
CA LEU B 118 27.77 11.79 -11.26
C LEU B 118 27.78 12.14 -12.73
N THR B 119 28.88 12.79 -13.15
CA THR B 119 28.99 13.37 -14.49
C THR B 119 30.13 12.72 -15.28
N GLY B 120 30.30 13.12 -16.54
CA GLY B 120 31.27 12.44 -17.37
C GLY B 120 30.94 10.93 -17.50
N LEU B 121 31.96 10.11 -17.72
CA LEU B 121 31.76 8.69 -17.93
C LEU B 121 31.72 7.87 -16.65
N ILE B 122 30.70 7.04 -16.51
CA ILE B 122 30.56 6.18 -15.33
C ILE B 122 29.77 4.94 -15.70
N GLN B 123 30.13 3.80 -15.10
CA GLN B 123 29.20 2.67 -15.00
C GLN B 123 29.39 1.99 -13.67
N PHE B 124 28.28 1.87 -12.93
CA PHE B 124 28.21 0.99 -11.75
C PHE B 124 27.95 -0.40 -12.27
N GLU B 125 28.92 -1.30 -12.08
CA GLU B 125 28.70 -2.70 -12.43
C GLU B 125 28.42 -3.41 -11.13
N LEU B 126 27.14 -3.72 -10.88
CA LEU B 126 26.69 -4.27 -9.58
C LEU B 126 26.76 -5.79 -9.69
N LYS B 127 27.81 -6.39 -9.17
CA LYS B 127 27.96 -7.82 -9.28
C LYS B 127 27.45 -8.57 -8.05
N GLY B 128 27.50 -7.94 -6.86
CA GLY B 128 27.00 -8.53 -5.64
C GLY B 128 25.47 -8.59 -5.64
N ASP B 129 24.94 -9.37 -4.71
CA ASP B 129 23.47 -9.43 -4.48
C ASP B 129 23.02 -8.35 -3.49
N ASP B 130 21.78 -7.90 -3.62
CA ASP B 130 21.16 -7.04 -2.58
C ASP B 130 21.93 -5.72 -2.47
N ILE B 131 22.32 -5.19 -3.64
CA ILE B 131 22.91 -3.87 -3.70
C ILE B 131 21.83 -2.88 -4.05
N THR B 132 21.82 -1.74 -3.34
CA THR B 132 20.87 -0.66 -3.62
C THR B 132 21.62 0.62 -3.91
N LEU B 133 21.26 1.27 -5.02
N LEU B 133 21.24 1.26 -5.02
CA LEU B 133 21.73 2.60 -5.32
CA LEU B 133 21.70 2.60 -5.36
C LEU B 133 20.54 3.53 -5.10
C LEU B 133 20.52 3.53 -5.10
N ASP B 134 20.73 4.59 -4.32
CA ASP B 134 19.61 5.42 -3.83
C ASP B 134 19.94 6.90 -3.92
N GLY B 135 19.15 7.67 -4.64
CA GLY B 135 19.25 9.14 -4.59
C GLY B 135 20.32 9.74 -5.50
N LEU B 136 20.79 9.00 -6.50
CA LEU B 136 21.93 9.45 -7.35
C LEU B 136 21.39 10.22 -8.57
N VAL B 137 22.23 11.07 -9.13
CA VAL B 137 21.91 11.79 -10.34
C VAL B 137 22.99 11.47 -11.38
N PHE B 138 22.56 11.14 -12.60
CA PHE B 138 23.47 10.87 -13.70
C PHE B 138 23.15 11.93 -14.75
N THR B 139 24.10 12.86 -15.01
CA THR B 139 23.84 13.94 -15.93
C THR B 139 25.16 14.46 -16.50
N GLU B 140 25.11 15.20 -17.63
CA GLU B 140 26.33 15.87 -18.12
C GLU B 140 27.48 14.84 -18.29
N GLY B 141 27.14 13.74 -18.95
CA GLY B 141 28.06 12.60 -19.11
C GLY B 141 27.31 11.49 -19.80
N GLY B 142 27.81 10.26 -19.68
CA GLY B 142 27.19 9.14 -20.39
C GLY B 142 27.73 7.85 -19.84
N PRO B 143 27.16 6.72 -20.27
CA PRO B 143 27.62 5.42 -19.73
C PRO B 143 29.04 5.12 -20.13
N ASN B 144 29.78 4.50 -19.21
CA ASN B 144 31.17 4.09 -19.53
C ASN B 144 31.25 2.83 -20.39
N GLU B 145 30.13 2.11 -20.52
CA GLU B 145 30.08 0.93 -21.36
C GLU B 145 28.61 0.87 -21.85
N ARG B 146 28.36 0.23 -22.98
CA ARG B 146 27.06 0.40 -23.68
C ARG B 146 25.84 -0.19 -22.95
N PHE B 147 26.04 -1.06 -21.95
CA PHE B 147 24.93 -1.59 -21.17
C PHE B 147 24.50 -0.73 -19.99
N GLY B 148 25.02 0.49 -19.93
CA GLY B 148 24.37 1.52 -19.10
C GLY B 148 25.22 2.16 -18.03
N ALA B 149 24.68 3.20 -17.40
CA ALA B 149 25.30 3.77 -16.17
C ALA B 149 25.19 2.78 -15.01
N VAL B 150 24.15 1.94 -15.04
CA VAL B 150 23.94 0.95 -13.97
C VAL B 150 23.69 -0.39 -14.63
N ARG B 151 24.63 -1.30 -14.38
CA ARG B 151 24.57 -2.68 -14.85
C ARG B 151 24.20 -3.54 -13.64
N MET B 152 22.93 -3.93 -13.55
CA MET B 152 22.43 -4.66 -12.35
C MET B 152 22.63 -6.13 -12.60
N MET B 153 23.81 -6.66 -12.20
N MET B 153 23.77 -6.68 -12.15
CA MET B 153 24.16 -8.05 -12.50
CA MET B 153 24.09 -8.07 -12.51
C MET B 153 23.73 -9.09 -11.46
C MET B 153 23.77 -9.11 -11.45
N GLY B 154 23.71 -8.66 -10.20
CA GLY B 154 23.39 -9.54 -9.07
C GLY B 154 21.89 -9.67 -8.88
N ASN B 155 21.49 -10.44 -7.88
CA ASN B 155 20.09 -10.68 -7.60
C ASN B 155 19.63 -9.70 -6.53
N GLY B 156 18.36 -9.29 -6.54
CA GLY B 156 17.90 -8.36 -5.52
C GLY B 156 18.57 -7.01 -5.63
N ASN B 157 19.03 -6.64 -6.85
CA ASN B 157 19.63 -5.32 -7.00
C ASN B 157 18.51 -4.27 -7.15
N THR B 158 18.70 -3.06 -6.63
CA THR B 158 17.71 -1.98 -6.70
C THR B 158 18.33 -0.66 -7.08
N LEU B 159 17.66 0.04 -8.02
CA LEU B 159 17.96 1.43 -8.34
C LEU B 159 16.73 2.23 -7.94
N GLN B 160 16.87 3.17 -6.98
CA GLN B 160 15.72 3.93 -6.51
C GLN B 160 16.03 5.40 -6.28
N ASN B 161 14.99 6.21 -6.40
CA ASN B 161 15.06 7.66 -6.08
C ASN B 161 16.15 8.41 -6.85
N SER B 162 16.48 7.89 -8.05
CA SER B 162 17.62 8.43 -8.81
C SER B 162 17.11 9.15 -10.07
N THR B 163 17.91 10.04 -10.62
CA THR B 163 17.50 10.84 -11.78
C THR B 163 18.58 10.78 -12.84
N PHE B 164 18.15 10.43 -14.05
CA PHE B 164 18.99 10.61 -15.25
C PHE B 164 18.49 11.84 -15.96
N TYR B 165 19.40 12.78 -16.27
CA TYR B 165 19.02 13.98 -17.00
C TYR B 165 19.92 14.15 -18.22
N TYR B 166 19.41 13.75 -19.38
CA TYR B 166 20.14 13.93 -20.65
C TYR B 166 21.55 13.38 -20.58
N PHE B 167 21.63 12.10 -20.17
CA PHE B 167 22.92 11.43 -19.95
C PHE B 167 23.38 10.82 -21.31
N ASN B 168 23.63 11.72 -22.26
CA ASN B 168 23.82 11.33 -23.71
C ASN B 168 25.20 11.71 -24.17
N HIS B 169 26.17 11.87 -23.28
CA HIS B 169 27.41 12.55 -23.70
C HIS B 169 28.68 11.77 -23.39
N ASP B 170 29.78 12.20 -24.01
CA ASP B 170 31.15 11.77 -23.69
C ASP B 170 31.56 10.40 -24.23
N TYR B 171 30.66 9.75 -24.95
CA TYR B 171 31.03 8.50 -25.59
C TYR B 171 30.95 8.67 -27.09
N THR B 172 31.80 7.94 -27.81
CA THR B 172 31.82 8.08 -29.28
C THR B 172 30.45 7.71 -29.85
N TYR B 173 29.99 8.52 -30.80
CA TYR B 173 28.65 8.35 -31.35
C TYR B 173 28.67 8.65 -32.84
N GLU B 174 29.07 7.64 -33.62
CA GLU B 174 29.32 7.83 -35.06
C GLU B 174 28.63 6.75 -35.84
N PRO B 175 28.21 7.03 -37.10
CA PRO B 175 27.72 5.90 -37.91
C PRO B 175 28.88 4.90 -38.15
N ASP B 176 28.63 3.61 -38.01
CA ASP B 176 29.72 2.66 -38.21
C ASP B 176 30.09 2.51 -39.68
N GLU B 177 31.29 1.97 -39.89
CA GLU B 177 31.80 1.67 -41.22
C GLU B 177 30.93 0.66 -41.97
N ARG B 178 30.54 -0.41 -41.27
CA ARG B 178 29.82 -1.54 -41.92
C ARG B 178 28.55 -1.06 -42.60
N ARG B 179 27.72 -0.29 -41.89
CA ARG B 179 26.41 0.04 -42.44
C ARG B 179 25.83 1.37 -41.94
N SER B 180 26.73 2.22 -41.47
CA SER B 180 26.37 3.56 -40.96
C SER B 180 25.36 3.46 -39.80
N GLU B 181 25.49 2.43 -38.96
CA GLU B 181 24.61 2.25 -37.81
C GLU B 181 25.20 3.00 -36.60
N TYR B 182 24.35 3.77 -35.88
CA TYR B 182 24.80 4.49 -34.68
C TYR B 182 24.82 3.53 -33.48
N PRO B 183 25.73 3.75 -32.53
CA PRO B 183 25.80 2.76 -31.42
C PRO B 183 24.61 2.88 -30.46
N LYS B 184 24.15 1.74 -29.99
CA LYS B 184 23.06 1.63 -29.01
C LYS B 184 23.70 1.67 -27.62
N TYR B 185 23.34 2.69 -26.83
CA TYR B 185 23.77 2.76 -25.40
C TYR B 185 22.50 2.74 -24.55
N LEU B 186 22.50 1.91 -23.52
CA LEU B 186 21.40 1.87 -22.56
C LEU B 186 21.72 2.82 -21.44
N TRP B 187 20.72 3.11 -20.61
CA TRP B 187 20.98 3.76 -19.31
C TRP B 187 21.02 2.79 -18.13
N VAL B 188 20.14 1.79 -18.14
CA VAL B 188 20.08 0.78 -17.06
C VAL B 188 19.90 -0.57 -17.73
N SER B 189 20.63 -1.57 -17.27
CA SER B 189 20.35 -2.94 -17.70
C SER B 189 20.20 -3.86 -16.50
N LEU B 190 19.31 -4.85 -16.65
CA LEU B 190 19.09 -5.85 -15.61
C LEU B 190 19.47 -7.21 -16.16
N TRP B 191 20.41 -7.88 -15.49
CA TRP B 191 20.90 -9.17 -15.96
C TRP B 191 20.67 -10.27 -14.94
N GLY B 192 20.23 -9.91 -13.74
CA GLY B 192 20.06 -10.89 -12.67
C GLY B 192 18.58 -11.20 -12.45
N LYS B 193 18.22 -11.44 -11.17
CA LYS B 193 16.84 -11.85 -10.80
C LYS B 193 16.32 -10.89 -9.75
N ASP B 194 14.99 -10.69 -9.71
CA ASP B 194 14.36 -9.91 -8.64
C ASP B 194 14.94 -8.51 -8.54
N GLY B 195 15.19 -7.88 -9.70
CA GLY B 195 15.63 -6.51 -9.70
C GLY B 195 14.48 -5.53 -9.45
N LYS B 196 14.80 -4.35 -8.93
CA LYS B 196 13.79 -3.30 -8.77
C LYS B 196 14.35 -2.02 -9.34
N VAL B 197 13.57 -1.34 -10.17
CA VAL B 197 13.90 0.00 -10.71
C VAL B 197 12.65 0.81 -10.36
N ILE B 198 12.73 1.58 -9.28
CA ILE B 198 11.53 2.19 -8.69
C ILE B 198 11.77 3.64 -8.30
N ASN B 199 10.75 4.47 -8.50
CA ASN B 199 10.81 5.88 -8.05
C ASN B 199 12.02 6.65 -8.59
N ASN B 200 12.33 6.42 -9.85
CA ASN B 200 13.36 7.16 -10.55
C ASN B 200 12.74 8.13 -11.55
N ARG B 201 13.56 9.01 -12.09
CA ARG B 201 13.16 9.92 -13.15
C ARG B 201 14.16 9.73 -14.29
N PHE B 202 13.66 9.39 -15.47
CA PHE B 202 14.52 9.12 -16.66
C PHE B 202 14.15 10.13 -17.71
N GLU B 203 14.93 11.20 -17.77
CA GLU B 203 14.53 12.36 -18.56
C GLU B 203 15.53 12.66 -19.68
N GLY B 204 15.05 12.73 -20.92
CA GLY B 204 15.91 13.20 -22.02
C GLY B 204 16.83 12.19 -22.68
N LYS B 205 16.41 10.92 -22.77
CA LYS B 205 17.26 9.99 -23.53
C LYS B 205 17.11 10.31 -25.03
N GLN B 206 18.21 10.82 -25.64
CA GLN B 206 18.13 11.41 -26.99
C GLN B 206 19.29 10.99 -27.91
N LYS B 207 19.90 9.86 -27.57
CA LYS B 207 20.76 9.13 -28.50
C LYS B 207 20.29 7.70 -28.51
N ARG B 208 20.70 6.95 -29.54
CA ARG B 208 20.12 5.64 -29.79
C ARG B 208 20.35 4.62 -28.65
N GLY B 209 19.39 3.72 -28.47
CA GLY B 209 19.50 2.61 -27.52
C GLY B 209 18.32 2.63 -26.56
N THR B 210 17.93 1.44 -26.14
CA THR B 210 16.82 1.34 -25.19
C THR B 210 17.22 1.96 -23.83
N LEU B 211 16.25 2.59 -23.14
CA LEU B 211 16.59 3.25 -21.92
C LEU B 211 16.86 2.22 -20.82
N ILE B 212 15.92 1.27 -20.63
CA ILE B 212 16.15 0.15 -19.73
C ILE B 212 16.14 -1.14 -20.55
N GLY B 213 17.16 -1.98 -20.43
CA GLY B 213 17.14 -3.30 -21.09
C GLY B 213 17.15 -4.43 -20.08
N VAL B 214 16.27 -5.38 -20.26
CA VAL B 214 16.30 -6.62 -19.47
C VAL B 214 17.02 -7.68 -20.32
N GLN B 215 18.12 -8.20 -19.78
CA GLN B 215 19.01 -9.15 -20.46
C GLN B 215 18.82 -10.45 -19.68
N LYS B 216 17.99 -11.36 -20.20
CA LYS B 216 17.57 -12.49 -19.39
C LYS B 216 18.07 -13.81 -19.90
N ASP B 217 17.83 -14.82 -19.10
CA ASP B 217 18.15 -16.20 -19.50
C ASP B 217 16.85 -17.02 -19.56
N ASP B 218 16.96 -18.34 -19.38
CA ASP B 218 15.84 -19.24 -19.59
C ASP B 218 14.83 -19.41 -18.44
N THR B 219 15.06 -18.73 -17.31
CA THR B 219 14.13 -18.84 -16.19
C THR B 219 13.48 -17.48 -15.93
N PRO B 220 12.39 -17.46 -15.16
CA PRO B 220 11.74 -16.18 -14.87
C PRO B 220 12.68 -15.22 -14.15
N ASP B 221 12.47 -13.93 -14.40
CA ASP B 221 13.33 -12.88 -13.78
C ASP B 221 12.66 -12.16 -12.63
N ASN B 222 11.34 -11.96 -12.74
CA ASN B 222 10.56 -11.30 -11.66
C ASN B 222 11.08 -9.93 -11.32
N HIS B 223 11.40 -9.12 -12.35
CA HIS B 223 11.79 -7.75 -12.10
C HIS B 223 10.58 -6.86 -11.88
N LEU B 224 10.77 -5.78 -11.15
CA LEU B 224 9.71 -4.77 -10.91
C LEU B 224 10.24 -3.41 -11.36
N ILE B 225 9.58 -2.85 -12.37
CA ILE B 225 9.94 -1.52 -12.89
C ILE B 225 8.68 -0.68 -12.64
N ALA B 226 8.70 0.12 -11.57
CA ALA B 226 7.41 0.69 -11.05
C ALA B 226 7.59 2.08 -10.53
N ASN B 227 6.56 2.91 -10.68
CA ASN B 227 6.51 4.24 -10.00
C ASN B 227 7.67 5.14 -10.49
N ASN B 228 8.09 5.00 -11.77
CA ASN B 228 9.09 5.89 -12.34
C ASN B 228 8.45 6.93 -13.21
N ILE B 229 9.15 8.05 -13.43
CA ILE B 229 8.77 9.07 -14.44
C ILE B 229 9.75 8.90 -15.62
N PHE B 230 9.19 8.81 -16.84
CA PHE B 230 10.00 8.80 -18.05
C PHE B 230 9.57 10.00 -18.87
N MET B 231 10.48 10.83 -19.34
CA MET B 231 10.08 12.00 -20.13
C MET B 231 11.02 12.24 -21.27
N ASP B 232 10.50 12.67 -22.38
CA ASP B 232 11.31 13.35 -23.44
C ASP B 232 12.37 12.49 -24.10
N GLN B 233 12.09 11.19 -24.25
CA GLN B 233 12.91 10.36 -25.16
C GLN B 233 12.51 10.71 -26.59
N LYS B 234 13.49 11.00 -27.45
CA LYS B 234 13.15 11.33 -28.87
C LYS B 234 14.38 11.08 -29.74
N PRO B 235 14.14 10.66 -30.99
CA PRO B 235 15.24 10.28 -31.86
C PRO B 235 15.64 11.43 -32.79
N ASN B 236 16.69 11.21 -33.57
CA ASN B 236 17.05 12.14 -34.64
C ASN B 236 17.34 13.54 -34.14
N GLN B 237 17.91 13.65 -32.92
CA GLN B 237 18.38 14.95 -32.44
C GLN B 237 19.80 15.23 -32.90
N PHE B 238 20.46 14.25 -33.49
CA PHE B 238 21.85 14.42 -33.96
C PHE B 238 21.97 14.06 -35.42
N ASN B 239 20.90 14.33 -36.18
CA ASN B 239 20.86 14.09 -37.63
C ASN B 239 21.06 12.61 -38.05
N GLU B 240 20.74 11.68 -37.16
CA GLU B 240 21.01 10.28 -37.46
C GLU B 240 20.20 9.82 -38.68
N PHE B 241 19.01 10.38 -38.86
CA PHE B 241 18.12 9.94 -39.95
C PHE B 241 18.51 10.54 -41.32
N ASP B 242 19.50 11.46 -41.36
CA ASP B 242 19.93 12.01 -42.62
C ASP B 242 20.56 10.94 -43.53
N ILE B 243 21.05 9.85 -42.95
CA ILE B 243 21.59 8.74 -43.74
C ILE B 243 20.39 7.85 -44.12
N LYS B 244 19.81 8.18 -45.27
CA LYS B 244 18.52 7.63 -45.64
C LYS B 244 18.53 6.09 -45.79
N GLU B 245 19.61 5.53 -46.32
CA GLU B 245 19.73 4.05 -46.52
C GLU B 245 19.72 3.26 -45.23
N ALA B 246 20.08 3.92 -44.11
CA ALA B 246 20.22 3.23 -42.82
C ALA B 246 19.02 3.49 -41.88
N ILE B 247 17.97 4.15 -42.36
CA ILE B 247 16.91 4.66 -41.48
C ILE B 247 16.10 3.54 -40.80
N ARG B 248 15.91 2.39 -41.46
CA ARG B 248 15.04 1.38 -40.83
C ARG B 248 15.64 0.80 -39.54
N TYR B 249 16.97 0.71 -39.45
CA TYR B 249 17.60 0.24 -38.24
C TYR B 249 18.05 1.42 -37.38
N ASN B 250 18.56 2.52 -37.95
CA ASN B 250 18.84 3.66 -37.08
C ASN B 250 17.59 4.20 -36.36
N GLY B 251 16.41 4.08 -36.98
CA GLY B 251 15.13 4.48 -36.35
C GLY B 251 14.56 3.44 -35.39
N ASN B 252 15.26 2.33 -35.18
CA ASN B 252 14.84 1.33 -34.22
C ASN B 252 15.82 1.36 -33.04
N SER B 253 15.36 0.79 -31.93
CA SER B 253 16.10 0.71 -30.68
C SER B 253 16.10 2.07 -29.95
N TRP B 254 14.93 2.66 -29.74
CA TRP B 254 14.78 3.86 -28.87
C TRP B 254 13.62 3.63 -27.92
N GLU B 255 13.47 2.42 -27.43
CA GLU B 255 12.40 2.09 -26.53
C GLU B 255 12.67 2.70 -25.13
N ALA B 256 11.61 2.87 -24.34
CA ALA B 256 11.79 3.19 -22.90
C ALA B 256 12.25 1.96 -22.15
N ILE B 257 11.70 0.80 -22.54
CA ILE B 257 12.16 -0.47 -21.95
C ILE B 257 11.99 -1.59 -22.93
N ARG B 258 12.93 -2.52 -22.92
CA ARG B 258 12.83 -3.80 -23.70
C ARG B 258 12.93 -4.91 -22.67
N ILE B 259 11.92 -5.78 -22.62
CA ILE B 259 11.95 -6.89 -21.65
C ILE B 259 12.21 -8.18 -22.43
N GLY B 260 13.48 -8.60 -22.47
CA GLY B 260 13.88 -9.81 -23.20
C GLY B 260 14.49 -9.48 -24.56
N ASP B 261 14.62 -10.49 -25.43
CA ASP B 261 15.16 -10.28 -26.78
C ASP B 261 14.67 -11.46 -27.61
N SER B 262 14.89 -11.43 -28.92
CA SER B 262 14.32 -12.50 -29.76
C SER B 262 14.81 -13.88 -29.32
N LYS B 263 16.10 -14.01 -29.00
CA LYS B 263 16.63 -15.32 -28.61
C LYS B 263 15.98 -15.88 -27.36
N SER B 264 15.70 -15.01 -26.39
N SER B 264 15.68 -15.00 -26.41
CA SER B 264 15.14 -15.44 -25.12
CA SER B 264 15.12 -15.41 -25.12
C SER B 264 13.60 -15.32 -25.06
C SER B 264 13.59 -15.38 -25.08
N SER B 265 12.97 -15.01 -26.19
CA SER B 265 11.56 -14.63 -26.20
C SER B 265 10.58 -15.76 -25.91
N GLN B 266 11.02 -17.01 -26.09
CA GLN B 266 10.12 -18.16 -25.86
C GLN B 266 10.12 -18.60 -24.41
N TRP B 267 10.82 -17.86 -23.55
CA TRP B 267 10.83 -18.13 -22.11
C TRP B 267 10.14 -17.03 -21.36
N ASP B 268 9.63 -17.36 -20.18
CA ASP B 268 8.98 -16.32 -19.36
C ASP B 268 10.01 -15.42 -18.71
N SER B 269 9.70 -14.11 -18.69
CA SER B 269 10.38 -13.21 -17.75
C SER B 269 9.56 -13.00 -16.45
N SER B 270 8.23 -12.96 -16.57
CA SER B 270 7.36 -12.71 -15.36
C SER B 270 7.73 -11.39 -14.70
N SER B 271 8.08 -10.38 -15.52
CA SER B 271 8.42 -9.06 -14.99
C SER B 271 7.25 -8.10 -15.09
N LYS B 272 7.37 -7.01 -14.33
CA LYS B 272 6.27 -6.06 -14.22
C LYS B 272 6.74 -4.65 -14.58
N PHE B 273 6.00 -4.01 -15.47
CA PHE B 273 6.18 -2.59 -15.76
C PHE B 273 4.85 -1.93 -15.40
N VAL B 274 4.80 -1.34 -14.18
CA VAL B 274 3.53 -0.96 -13.59
C VAL B 274 3.58 0.42 -12.93
N ASN B 275 2.45 1.15 -13.01
CA ASN B 275 2.31 2.42 -12.26
C ASN B 275 3.41 3.48 -12.60
N ASN B 276 3.91 3.43 -13.84
CA ASN B 276 4.83 4.46 -14.33
C ASN B 276 4.10 5.60 -15.00
N LEU B 277 4.75 6.76 -15.02
CA LEU B 277 4.27 7.95 -15.69
C LEU B 277 5.22 8.22 -16.87
N MET B 278 4.66 8.32 -18.07
CA MET B 278 5.45 8.50 -19.28
C MET B 278 4.93 9.74 -19.99
N ILE B 279 5.80 10.70 -20.31
CA ILE B 279 5.37 11.98 -20.84
C ILE B 279 6.22 12.30 -22.07
N ASP B 280 5.57 12.51 -23.24
CA ASP B 280 6.32 12.88 -24.46
C ASP B 280 7.48 11.91 -24.73
N MET B 281 7.15 10.64 -24.61
CA MET B 281 8.09 9.57 -24.94
C MET B 281 7.86 9.16 -26.39
N ASP B 282 8.71 9.65 -27.26
CA ASP B 282 8.55 9.62 -28.72
C ASP B 282 9.67 8.87 -29.40
N GLY B 283 10.33 7.99 -28.71
CA GLY B 283 11.56 7.40 -29.23
C GLY B 283 11.38 6.68 -30.55
N GLU B 284 10.39 5.81 -30.67
CA GLU B 284 10.24 4.94 -31.86
C GLU B 284 8.83 4.32 -31.81
N ARG B 285 8.53 3.42 -32.74
CA ARG B 285 7.20 2.81 -32.79
C ARG B 285 6.93 2.02 -31.50
N GLU B 286 7.96 1.45 -30.86
CA GLU B 286 7.72 0.71 -29.61
C GLU B 286 8.12 1.59 -28.41
N LEU B 287 7.14 1.93 -27.59
CA LEU B 287 7.42 2.61 -26.31
C LEU B 287 7.99 1.60 -25.30
N ILE B 288 7.31 0.48 -25.20
CA ILE B 288 7.64 -0.61 -24.30
C ILE B 288 7.67 -1.83 -25.23
N SER B 289 8.82 -2.50 -25.36
CA SER B 289 8.94 -3.65 -26.29
C SER B 289 9.05 -4.90 -25.46
N ILE B 290 8.02 -5.73 -25.47
CA ILE B 290 8.00 -6.96 -24.69
C ILE B 290 8.50 -8.09 -25.64
N LYS B 291 9.55 -8.78 -25.22
CA LYS B 291 10.22 -9.83 -26.00
C LYS B 291 10.51 -11.05 -25.10
N SER B 292 9.45 -11.48 -24.40
CA SER B 292 9.53 -12.61 -23.48
C SER B 292 8.11 -12.84 -22.94
N GLY B 293 7.93 -13.85 -22.09
CA GLY B 293 6.57 -14.25 -21.70
C GLY B 293 6.15 -13.84 -20.28
N ASP B 294 4.83 -13.87 -20.05
CA ASP B 294 4.26 -13.79 -18.71
C ASP B 294 4.50 -12.45 -18.03
N ASN B 295 4.63 -11.38 -18.79
CA ASN B 295 4.86 -10.07 -18.23
C ASN B 295 3.58 -9.27 -17.99
N THR B 296 3.64 -8.31 -17.10
CA THR B 296 2.49 -7.44 -16.75
C THR B 296 2.87 -6.01 -17.11
N ILE B 297 2.05 -5.37 -17.96
CA ILE B 297 2.34 -3.98 -18.40
C ILE B 297 1.04 -3.23 -18.08
N SER B 298 0.93 -2.72 -16.84
CA SER B 298 -0.42 -2.36 -16.32
C SER B 298 -0.37 -1.15 -15.41
N GLY B 299 -1.48 -0.38 -15.45
CA GLY B 299 -1.62 0.77 -14.54
C GLY B 299 -0.73 1.96 -14.88
N ASN B 300 -0.11 2.01 -16.07
CA ASN B 300 0.78 3.14 -16.44
C ASN B 300 -0.03 4.27 -17.05
N THR B 301 0.38 5.51 -16.80
CA THR B 301 -0.15 6.64 -17.50
C THR B 301 0.85 7.05 -18.59
N ILE B 302 0.37 7.08 -19.84
CA ILE B 302 1.22 7.35 -20.99
C ILE B 302 0.61 8.57 -21.67
N PHE B 303 1.26 9.70 -21.53
CA PHE B 303 0.71 11.00 -21.95
C PHE B 303 1.49 11.56 -23.12
N GLN B 304 0.78 11.96 -24.18
CA GLN B 304 1.43 12.58 -25.35
C GLN B 304 2.66 11.82 -25.82
N SER B 305 2.62 10.49 -25.83
CA SER B 305 3.78 9.70 -26.22
C SER B 305 3.54 9.05 -27.58
N ALA B 306 4.32 9.47 -28.57
CA ALA B 306 4.20 8.99 -29.94
C ALA B 306 4.95 7.64 -30.13
N ALA B 307 4.45 6.63 -29.43
CA ALA B 307 5.11 5.34 -29.34
C ALA B 307 4.08 4.40 -28.62
N LEU B 308 4.06 3.12 -29.00
CA LEU B 308 3.05 2.18 -28.56
C LEU B 308 3.59 1.13 -27.60
N ILE B 309 2.72 0.62 -26.70
CA ILE B 309 3.05 -0.63 -26.00
C ILE B 309 3.15 -1.69 -27.12
N SER B 310 4.23 -2.46 -27.17
CA SER B 310 4.46 -3.39 -28.28
C SER B 310 4.71 -4.78 -27.76
N LEU B 311 3.73 -5.67 -27.97
CA LEU B 311 3.90 -7.08 -27.62
C LEU B 311 4.62 -7.67 -28.85
N ARG B 312 5.96 -7.67 -28.81
CA ARG B 312 6.76 -7.88 -30.01
C ARG B 312 7.13 -9.35 -30.20
N HIS B 313 7.58 -10.00 -29.12
CA HIS B 313 7.83 -11.46 -29.15
C HIS B 313 7.43 -12.05 -27.81
N GLY B 314 7.07 -13.32 -27.77
CA GLY B 314 6.74 -13.98 -26.52
C GLY B 314 5.27 -14.02 -26.25
N LYS B 315 4.89 -14.89 -25.30
CA LYS B 315 3.48 -15.30 -25.16
C LYS B 315 2.94 -14.93 -23.77
N GLY B 316 1.62 -14.79 -23.69
CA GLY B 316 0.97 -14.72 -22.41
C GLY B 316 1.27 -13.43 -21.62
N ASN B 317 1.36 -12.30 -22.31
CA ASN B 317 1.54 -11.01 -21.63
C ASN B 317 0.21 -10.33 -21.38
N THR B 318 0.15 -9.55 -20.32
CA THR B 318 -1.10 -8.87 -19.95
C THR B 318 -0.90 -7.38 -19.91
N VAL B 319 -1.81 -6.66 -20.58
CA VAL B 319 -1.72 -5.21 -20.67
C VAL B 319 -3.06 -4.70 -20.16
N GLU B 320 -3.07 -4.15 -18.94
CA GLU B 320 -4.32 -3.92 -18.23
C GLU B 320 -4.33 -2.59 -17.47
N ASN B 321 -5.49 -1.92 -17.42
CA ASN B 321 -5.66 -0.75 -16.52
C ASN B 321 -4.73 0.43 -16.84
N ASN B 322 -4.22 0.51 -18.07
CA ASN B 322 -3.38 1.68 -18.45
C ASN B 322 -4.26 2.84 -18.86
N MET B 323 -3.72 4.06 -18.65
N MET B 323 -3.75 4.06 -18.64
CA MET B 323 -4.36 5.31 -19.08
CA MET B 323 -4.41 5.27 -19.15
C MET B 323 -3.48 5.90 -20.17
C MET B 323 -3.49 5.88 -20.17
N ILE B 324 -3.92 5.77 -21.42
CA ILE B 324 -3.12 6.22 -22.54
C ILE B 324 -3.83 7.46 -23.10
N LEU B 325 -3.25 8.62 -22.80
CA LEU B 325 -3.84 9.94 -23.04
C LEU B 325 -3.01 10.65 -24.12
N GLY B 326 -3.41 10.45 -25.39
CA GLY B 326 -2.66 11.00 -26.52
C GLY B 326 -2.73 12.50 -26.58
N ASN B 327 -3.81 13.07 -26.01
CA ASN B 327 -3.99 14.54 -25.99
C ASN B 327 -3.92 15.18 -27.37
N GLU B 328 -4.41 14.42 -28.38
CA GLU B 328 -4.50 14.87 -29.80
C GLU B 328 -3.11 15.00 -30.47
N LYS B 329 -2.04 14.49 -29.85
CA LYS B 329 -0.71 14.55 -30.47
C LYS B 329 -0.56 13.56 -31.60
N ARG B 330 0.07 14.02 -32.69
CA ARG B 330 0.33 13.13 -33.85
C ARG B 330 1.06 11.82 -33.47
N LEU B 331 0.59 10.70 -34.05
CA LEU B 331 1.24 9.37 -33.98
C LEU B 331 1.27 8.80 -32.57
N THR B 332 0.32 9.21 -31.72
CA THR B 332 0.07 8.53 -30.46
C THR B 332 -0.77 7.28 -30.75
N GLY B 333 -0.85 6.40 -29.79
CA GLY B 333 -1.60 5.20 -29.93
C GLY B 333 -1.46 4.32 -28.71
N GLY B 334 -2.11 3.16 -28.75
CA GLY B 334 -2.19 2.30 -27.56
C GLY B 334 -1.21 1.13 -27.59
N ILE B 335 -1.64 0.06 -28.24
CA ILE B 335 -1.00 -1.23 -28.11
C ILE B 335 -0.92 -1.90 -29.48
N ARG B 336 0.22 -2.45 -29.86
CA ARG B 336 0.35 -3.28 -31.05
C ARG B 336 0.75 -4.69 -30.67
N ILE B 337 0.25 -5.68 -31.41
CA ILE B 337 0.29 -7.07 -30.91
C ILE B 337 0.78 -8.11 -31.93
N TYR B 338 1.83 -8.85 -31.54
CA TYR B 338 2.24 -10.08 -32.22
C TYR B 338 2.18 -11.22 -31.21
N ASP B 339 2.32 -12.46 -31.71
CA ASP B 339 2.44 -13.64 -30.85
C ASP B 339 1.16 -13.97 -30.09
N GLU B 340 1.25 -14.91 -29.12
CA GLU B 340 0.04 -15.61 -28.65
C GLU B 340 -0.35 -15.39 -27.22
N ASP B 341 -1.65 -15.60 -26.93
CA ASP B 341 -2.15 -15.82 -25.57
C ASP B 341 -2.21 -14.54 -24.71
N HIS B 342 -2.16 -13.36 -25.32
CA HIS B 342 -2.14 -12.11 -24.54
C HIS B 342 -3.55 -11.72 -24.09
N VAL B 343 -3.57 -10.89 -23.06
CA VAL B 343 -4.81 -10.36 -22.52
C VAL B 343 -4.70 -8.83 -22.51
N ILE B 344 -5.63 -8.18 -23.15
CA ILE B 344 -5.65 -6.73 -23.24
C ILE B 344 -6.97 -6.28 -22.64
N ARG B 345 -6.93 -5.75 -21.43
CA ARG B 345 -8.13 -5.62 -20.61
C ARG B 345 -8.21 -4.31 -19.85
N ASN B 346 -9.34 -3.63 -19.94
CA ASN B 346 -9.64 -2.50 -19.06
C ASN B 346 -8.62 -1.36 -19.24
N ASN B 347 -8.16 -1.11 -20.47
CA ASN B 347 -7.39 0.08 -20.74
C ASN B 347 -8.30 1.21 -21.16
N TYR B 348 -7.85 2.44 -20.90
CA TYR B 348 -8.57 3.64 -21.29
C TYR B 348 -7.64 4.40 -22.21
N ILE B 349 -8.04 4.50 -23.48
CA ILE B 349 -7.14 5.01 -24.52
C ILE B 349 -7.86 6.16 -25.17
N ALA B 350 -7.35 7.38 -25.07
CA ALA B 350 -8.10 8.55 -25.46
C ALA B 350 -7.33 9.55 -26.31
N ASN B 351 -8.03 10.13 -27.29
CA ASN B 351 -7.51 11.28 -28.04
C ASN B 351 -6.21 10.97 -28.80
N THR B 352 -6.10 9.74 -29.28
CA THR B 352 -4.91 9.35 -30.07
C THR B 352 -5.14 9.69 -31.55
N ARG B 353 -4.03 9.82 -32.27
CA ARG B 353 -4.10 10.32 -33.65
C ARG B 353 -3.04 9.62 -34.51
N GLY B 354 -3.38 9.38 -35.78
CA GLY B 354 -2.41 8.92 -36.76
C GLY B 354 -2.40 7.41 -36.97
N ARG B 355 -2.06 7.00 -38.20
CA ARG B 355 -2.09 5.57 -38.53
C ARG B 355 -0.74 5.06 -38.99
N ASP B 356 -0.05 5.84 -39.83
CA ASP B 356 1.17 5.33 -40.46
C ASP B 356 2.40 6.04 -39.91
N GLY B 357 3.31 5.26 -39.33
CA GLY B 357 4.59 5.80 -38.83
C GLY B 357 5.44 6.37 -39.95
N VAL B 358 6.42 7.22 -39.60
CA VAL B 358 7.17 7.96 -40.64
C VAL B 358 8.21 7.09 -41.38
N ILE B 359 8.68 6.03 -40.73
CA ILE B 359 9.68 5.15 -41.34
C ILE B 359 8.97 3.93 -41.90
N GLU B 360 9.08 3.70 -43.20
CA GLU B 360 8.41 2.58 -43.88
C GLU B 360 9.18 1.28 -43.71
N GLY B 361 8.46 0.16 -43.87
CA GLY B 361 9.06 -1.15 -43.86
C GLY B 361 9.18 -1.81 -42.51
N ASN B 362 8.72 -1.12 -41.44
CA ASN B 362 8.83 -1.69 -40.08
C ASN B 362 7.47 -2.01 -39.49
N ALA B 363 6.46 -2.18 -40.37
CA ALA B 363 5.10 -2.58 -39.92
C ALA B 363 4.54 -1.60 -38.87
N ASP B 364 4.92 -0.32 -39.02
CA ASP B 364 4.59 0.72 -38.04
C ASP B 364 3.18 1.26 -38.31
N LEU B 365 2.21 0.44 -37.87
CA LEU B 365 0.76 0.72 -38.07
C LEU B 365 0.21 1.05 -36.68
N ARG B 366 -0.38 2.25 -36.53
CA ARG B 366 -0.77 2.78 -35.23
C ARG B 366 -2.28 2.90 -35.11
N GLY B 367 -2.70 2.92 -33.85
CA GLY B 367 -4.10 3.12 -33.50
C GLY B 367 -4.25 2.80 -32.02
N GLY B 368 -5.49 2.68 -31.53
CA GLY B 368 -5.72 2.34 -30.11
C GLY B 368 -5.21 0.95 -29.80
N ILE B 369 -5.69 -0.02 -30.58
CA ILE B 369 -5.26 -1.46 -30.40
C ILE B 369 -5.08 -1.98 -31.81
N VAL B 370 -3.87 -2.46 -32.09
CA VAL B 370 -3.52 -2.89 -33.44
C VAL B 370 -3.21 -4.38 -33.44
N ILE B 371 -3.95 -5.17 -34.22
CA ILE B 371 -3.75 -6.62 -34.30
C ILE B 371 -2.85 -6.84 -35.53
N ASN B 372 -1.54 -7.00 -35.33
CA ASN B 372 -0.61 -6.99 -36.49
C ASN B 372 -0.82 -8.21 -37.37
N THR B 373 -0.52 -8.08 -38.67
CA THR B 373 -0.32 -9.29 -39.46
C THR B 373 1.05 -9.92 -39.09
N GLY B 374 1.23 -11.22 -39.36
CA GLY B 374 2.55 -11.80 -39.22
C GLY B 374 2.90 -12.66 -40.45
N ILE B 375 3.95 -13.47 -40.33
CA ILE B 375 4.46 -14.18 -41.50
C ILE B 375 4.34 -15.69 -41.38
N ILE B 376 3.61 -16.15 -40.36
CA ILE B 376 3.42 -17.62 -40.15
C ILE B 376 1.93 -18.00 -40.00
N ASP B 377 1.63 -19.21 -40.42
CA ASP B 377 0.26 -19.74 -40.43
C ASP B 377 -0.12 -20.36 -39.08
N VAL B 378 -0.30 -19.49 -38.08
CA VAL B 378 -0.66 -19.92 -36.72
C VAL B 378 -1.99 -20.66 -36.65
N ALA B 379 -2.89 -20.38 -37.57
CA ALA B 379 -4.17 -21.16 -37.60
C ALA B 379 -3.94 -22.64 -37.84
N ASN B 380 -2.82 -22.95 -38.50
CA ASN B 380 -2.37 -24.32 -38.71
C ASN B 380 -1.20 -24.75 -37.85
N GLY B 381 -0.99 -24.02 -36.76
CA GLY B 381 0.00 -24.43 -35.76
C GLY B 381 1.46 -24.04 -36.02
N GLU B 382 1.71 -23.24 -37.06
CA GLU B 382 3.06 -22.83 -37.38
C GLU B 382 3.63 -21.90 -36.30
N GLN B 383 4.94 -22.01 -36.09
CA GLN B 383 5.69 -21.22 -35.10
C GLN B 383 6.83 -20.48 -35.77
N LEU B 384 7.34 -19.41 -35.14
CA LEU B 384 8.71 -18.97 -35.48
C LEU B 384 9.68 -19.99 -34.88
N ASP B 385 10.83 -20.14 -35.51
CA ASP B 385 11.73 -21.22 -35.16
C ASP B 385 13.04 -20.78 -35.72
N GLN B 386 14.06 -20.65 -34.85
CA GLN B 386 15.35 -20.21 -35.31
C GLN B 386 15.93 -21.08 -36.47
N SER B 387 15.54 -22.36 -36.57
CA SER B 387 16.03 -23.33 -37.58
C SER B 387 15.44 -23.11 -38.98
N VAL B 388 14.34 -22.39 -39.03
CA VAL B 388 13.59 -22.22 -40.29
C VAL B 388 13.92 -20.90 -40.98
N LYS B 389 14.58 -20.99 -42.14
CA LYS B 389 15.08 -19.80 -42.85
C LYS B 389 13.91 -18.88 -43.17
N GLY B 390 14.01 -17.60 -42.79
CA GLY B 390 12.94 -16.66 -43.03
C GLY B 390 11.87 -16.59 -41.94
N LYS B 391 11.86 -17.57 -41.02
CA LYS B 391 10.86 -17.59 -39.96
C LYS B 391 11.52 -17.70 -38.59
N GLU B 392 12.63 -16.98 -38.44
CA GLU B 392 13.43 -17.02 -37.24
C GLU B 392 12.74 -16.24 -36.09
N LEU B 393 13.32 -16.35 -34.88
CA LEU B 393 12.67 -15.77 -33.71
C LEU B 393 12.56 -14.24 -33.71
N ASN B 394 13.41 -13.56 -34.49
CA ASN B 394 13.32 -12.10 -34.55
C ASN B 394 12.33 -11.63 -35.63
N LYS B 395 11.58 -12.58 -36.24
CA LYS B 395 10.61 -12.17 -37.25
C LYS B 395 9.22 -11.89 -36.62
N GLN B 396 8.13 -12.18 -37.32
CA GLN B 396 6.80 -11.65 -36.96
C GLN B 396 5.82 -12.77 -36.73
N TRP B 397 5.53 -13.03 -35.46
CA TRP B 397 4.65 -14.13 -35.08
C TRP B 397 3.19 -13.65 -35.19
N THR B 398 2.42 -14.17 -36.15
CA THR B 398 1.01 -13.80 -36.34
C THR B 398 0.25 -13.96 -35.00
N PRO B 399 -0.49 -12.92 -34.56
CA PRO B 399 -1.17 -13.05 -33.24
C PRO B 399 -2.20 -14.18 -33.24
N LYS B 400 -2.32 -14.86 -32.10
CA LYS B 400 -3.33 -15.89 -31.94
C LYS B 400 -3.81 -15.95 -30.51
N ASN B 401 -5.12 -16.21 -30.32
CA ASN B 401 -5.70 -16.45 -28.98
C ASN B 401 -5.48 -15.22 -28.09
N ILE B 402 -5.93 -14.08 -28.59
CA ILE B 402 -5.79 -12.80 -27.88
C ILE B 402 -7.15 -12.44 -27.32
N THR B 403 -7.21 -12.05 -26.05
CA THR B 403 -8.46 -11.63 -25.44
C THR B 403 -8.42 -10.12 -25.32
N ILE B 404 -9.39 -9.43 -25.94
CA ILE B 404 -9.40 -7.96 -25.94
C ILE B 404 -10.73 -7.57 -25.33
N GLU B 405 -10.72 -7.21 -24.04
CA GLU B 405 -12.00 -7.06 -23.32
C GLU B 405 -12.08 -5.85 -22.43
N ASN B 406 -13.28 -5.22 -22.39
CA ASN B 406 -13.52 -4.10 -21.46
C ASN B 406 -12.56 -2.94 -21.62
N ASN B 407 -12.16 -2.65 -22.87
CA ASN B 407 -11.38 -1.45 -23.12
C ASN B 407 -12.31 -0.32 -23.48
N SER B 408 -11.93 0.91 -23.13
CA SER B 408 -12.63 2.11 -23.59
C SER B 408 -11.67 2.90 -24.46
N LEU B 409 -12.04 3.11 -25.73
CA LEU B 409 -11.26 3.93 -26.68
C LEU B 409 -12.13 5.13 -26.95
N VAL B 410 -11.67 6.31 -26.58
CA VAL B 410 -12.48 7.53 -26.64
C VAL B 410 -11.80 8.52 -27.57
N ASP B 411 -12.49 8.97 -28.64
CA ASP B 411 -11.90 9.95 -29.56
C ASP B 411 -10.52 9.47 -30.08
N THR B 412 -10.48 8.22 -30.53
CA THR B 412 -9.30 7.63 -31.13
C THR B 412 -9.48 7.70 -32.64
N GLU B 413 -8.58 8.41 -33.33
CA GLU B 413 -8.73 8.63 -34.79
C GLU B 413 -8.72 7.27 -35.53
N TRP B 414 -7.92 6.31 -35.03
CA TRP B 414 -7.89 4.94 -35.52
C TRP B 414 -8.06 4.09 -34.26
N GLY B 415 -9.19 3.39 -34.10
CA GLY B 415 -9.53 2.72 -32.82
C GLY B 415 -8.93 1.34 -32.72
N ILE B 416 -9.74 0.33 -33.05
CA ILE B 416 -9.20 -1.02 -33.11
C ILE B 416 -8.84 -1.28 -34.56
N VAL B 417 -7.58 -1.54 -34.86
CA VAL B 417 -7.10 -1.62 -36.24
C VAL B 417 -6.72 -3.07 -36.52
N TYR B 418 -7.41 -3.68 -37.49
CA TYR B 418 -7.02 -5.05 -37.93
C TYR B 418 -5.90 -4.87 -38.91
N GLY B 419 -4.74 -5.48 -38.63
CA GLY B 419 -3.54 -5.17 -39.41
C GLY B 419 -3.59 -5.55 -40.88
N ASN B 420 -2.77 -4.84 -41.65
CA ASN B 420 -2.58 -5.15 -43.07
C ASN B 420 -1.12 -4.93 -43.45
N GLN B 421 -0.22 -4.97 -42.48
CA GLN B 421 1.18 -4.66 -42.80
C GLN B 421 1.84 -5.67 -43.71
N SER B 422 2.70 -5.16 -44.57
N SER B 422 2.67 -5.16 -44.61
CA SER B 422 3.72 -5.97 -45.23
CA SER B 422 3.71 -5.97 -45.26
C SER B 422 4.92 -6.04 -44.27
C SER B 422 4.89 -6.05 -44.28
N HIS B 423 5.80 -6.98 -44.52
CA HIS B 423 6.95 -7.18 -43.66
C HIS B 423 8.15 -7.39 -44.58
N ARG B 424 9.27 -6.86 -44.18
CA ARG B 424 10.53 -7.08 -44.88
C ARG B 424 11.32 -8.19 -44.25
N VAL B 425 12.32 -8.71 -44.94
CA VAL B 425 13.07 -9.85 -44.37
C VAL B 425 13.73 -9.53 -43.04
N SER B 426 14.34 -8.34 -42.94
CA SER B 426 14.98 -7.93 -41.68
C SER B 426 15.10 -6.43 -41.66
N LEU B 427 15.66 -5.86 -40.58
CA LEU B 427 15.85 -4.39 -40.59
C LEU B 427 16.92 -4.00 -41.61
N PHE B 428 17.72 -4.97 -42.07
CA PHE B 428 18.86 -4.71 -42.96
C PHE B 428 18.59 -5.15 -44.39
N ASN B 429 17.60 -6.01 -44.59
CA ASN B 429 17.27 -6.59 -45.91
C ASN B 429 15.87 -6.11 -46.26
N ASN B 430 15.80 -5.23 -47.25
CA ASN B 430 14.54 -4.58 -47.60
C ASN B 430 13.59 -5.38 -48.50
N ALA B 431 13.96 -6.62 -48.85
CA ALA B 431 13.03 -7.47 -49.63
C ALA B 431 11.73 -7.73 -48.84
N GLU B 432 10.59 -7.75 -49.55
CA GLU B 432 9.28 -8.06 -48.95
C GLU B 432 9.10 -9.57 -48.79
N VAL B 433 8.61 -9.95 -47.62
CA VAL B 433 8.26 -11.36 -47.34
C VAL B 433 6.95 -11.70 -48.05
N GLU B 434 6.89 -12.91 -48.63
CA GLU B 434 5.66 -13.41 -49.23
C GLU B 434 5.02 -14.36 -48.25
N GLY B 435 3.71 -14.23 -48.09
CA GLY B 435 2.97 -15.10 -47.17
C GLY B 435 2.73 -14.33 -45.89
N ILE B 436 1.60 -13.60 -45.86
CA ILE B 436 1.26 -12.69 -44.75
C ILE B 436 -0.07 -13.16 -44.22
N TYR B 437 -0.22 -13.24 -42.92
CA TYR B 437 -1.40 -13.85 -42.25
C TYR B 437 -2.02 -12.91 -41.24
N ALA B 438 -3.35 -12.95 -41.16
CA ALA B 438 -4.12 -12.15 -40.20
C ALA B 438 -4.22 -12.84 -38.82
N GLY B 439 -4.50 -12.04 -37.79
CA GLY B 439 -4.68 -12.57 -36.46
C GLY B 439 -5.77 -13.67 -36.40
N VAL B 440 -5.59 -14.62 -35.48
CA VAL B 440 -6.40 -15.82 -35.37
C VAL B 440 -6.96 -15.93 -33.94
N ASP B 441 -8.23 -16.30 -33.82
CA ASP B 441 -8.86 -16.55 -32.50
C ASP B 441 -8.73 -15.29 -31.62
N ILE B 442 -9.12 -14.16 -32.18
CA ILE B 442 -9.13 -12.88 -31.46
C ILE B 442 -10.53 -12.72 -30.88
N ALA B 443 -10.64 -12.68 -29.57
CA ALA B 443 -11.95 -12.61 -28.87
C ALA B 443 -12.16 -11.20 -28.34
N PHE B 444 -13.13 -10.48 -28.89
CA PHE B 444 -13.44 -9.12 -28.45
C PHE B 444 -14.68 -9.18 -27.56
N LYS B 445 -14.63 -8.57 -26.35
CA LYS B 445 -15.83 -8.58 -25.46
C LYS B 445 -15.93 -7.28 -24.70
N HIS B 446 -17.13 -6.70 -24.69
CA HIS B 446 -17.42 -5.54 -23.85
C HIS B 446 -16.52 -4.34 -24.09
N ASN B 447 -15.97 -4.21 -25.29
CA ASN B 447 -15.25 -2.97 -25.61
C ASN B 447 -16.18 -1.85 -26.02
N VAL B 448 -15.79 -0.61 -25.71
CA VAL B 448 -16.48 0.58 -26.22
C VAL B 448 -15.49 1.39 -27.01
N VAL B 449 -15.83 1.66 -28.27
CA VAL B 449 -15.03 2.60 -29.08
C VAL B 449 -15.97 3.75 -29.36
N ASP B 450 -15.69 4.86 -28.70
CA ASP B 450 -16.59 6.02 -28.65
C ASP B 450 -16.04 7.18 -29.46
N ASN B 451 -16.38 7.20 -30.76
CA ASN B 451 -16.07 8.37 -31.57
C ASN B 451 -17.34 9.19 -31.80
N SER B 452 -18.19 9.30 -30.79
CA SER B 452 -19.40 10.12 -30.91
C SER B 452 -19.08 11.60 -31.21
N GLN B 453 -17.96 12.12 -30.68
CA GLN B 453 -17.58 13.54 -30.90
C GLN B 453 -17.21 13.83 -32.39
N THR B 454 -16.46 12.90 -33.00
CA THR B 454 -15.97 13.03 -34.38
C THR B 454 -16.18 11.70 -35.08
N PRO B 455 -17.44 11.46 -35.52
CA PRO B 455 -17.78 10.13 -36.01
C PRO B 455 -17.16 9.75 -37.35
N GLU B 456 -16.47 10.69 -38.00
CA GLU B 456 -15.70 10.40 -39.22
C GLU B 456 -14.41 9.63 -38.88
N PHE B 457 -13.98 9.65 -37.62
CA PHE B 457 -12.84 8.84 -37.17
C PHE B 457 -13.19 7.35 -37.32
N VAL B 458 -12.15 6.53 -37.48
CA VAL B 458 -12.34 5.10 -37.75
C VAL B 458 -12.26 4.35 -36.44
N SER B 459 -13.43 3.94 -35.94
N SER B 459 -13.44 3.95 -35.95
CA SER B 459 -13.51 3.23 -34.69
CA SER B 459 -13.56 3.21 -34.69
C SER B 459 -12.98 1.81 -34.81
C SER B 459 -13.00 1.81 -34.80
N VAL B 460 -13.34 1.10 -35.88
CA VAL B 460 -12.78 -0.24 -36.13
C VAL B 460 -12.38 -0.31 -37.60
N ARG B 461 -11.11 -0.64 -37.86
CA ARG B 461 -10.60 -0.72 -39.22
C ARG B 461 -10.47 -2.21 -39.55
N ALA B 462 -11.57 -2.84 -40.00
CA ALA B 462 -11.47 -4.19 -40.54
C ALA B 462 -11.06 -4.12 -41.99
N THR B 463 -10.56 -5.24 -42.53
CA THR B 463 -10.11 -5.18 -43.92
C THR B 463 -10.20 -6.57 -44.60
N HIS B 464 -10.89 -6.58 -45.74
CA HIS B 464 -10.94 -7.79 -46.56
C HIS B 464 -9.56 -8.22 -47.08
N ASP B 465 -8.55 -7.35 -47.01
CA ASP B 465 -7.25 -7.75 -47.49
C ASP B 465 -6.69 -8.80 -46.53
N PHE B 466 -7.09 -8.75 -45.24
CA PHE B 466 -6.57 -9.67 -44.21
C PHE B 466 -7.68 -9.93 -43.17
N PRO B 467 -8.69 -10.76 -43.54
CA PRO B 467 -9.77 -11.03 -42.61
C PRO B 467 -9.23 -11.75 -41.39
N LEU B 468 -9.65 -11.32 -40.19
CA LEU B 468 -9.34 -12.13 -39.00
C LEU B 468 -9.94 -13.54 -39.15
N VAL B 469 -9.25 -14.54 -38.60
CA VAL B 469 -9.69 -15.93 -38.64
C VAL B 469 -10.20 -16.29 -37.24
N GLY B 470 -11.46 -16.74 -37.13
CA GLY B 470 -11.98 -17.17 -35.85
C GLY B 470 -12.19 -16.06 -34.84
N ALA B 471 -12.41 -14.82 -35.30
CA ALA B 471 -12.70 -13.71 -34.40
C ALA B 471 -14.09 -13.89 -33.81
N THR B 472 -14.26 -13.48 -32.57
CA THR B 472 -15.57 -13.50 -31.93
C THR B 472 -15.88 -12.13 -31.32
N TYR B 473 -17.17 -11.82 -31.20
CA TYR B 473 -17.66 -10.51 -30.77
C TYR B 473 -18.76 -10.70 -29.76
N THR B 474 -18.56 -10.19 -28.55
CA THR B 474 -19.58 -10.27 -27.48
C THR B 474 -19.82 -8.90 -26.92
N ASP B 475 -21.03 -8.36 -27.13
CA ASP B 475 -21.43 -7.07 -26.53
C ASP B 475 -20.42 -5.96 -26.80
N GLU B 476 -20.02 -5.82 -28.07
CA GLU B 476 -19.18 -4.73 -28.50
C GLU B 476 -20.02 -3.49 -28.85
N THR B 477 -19.48 -2.30 -28.62
CA THR B 477 -20.13 -1.06 -28.98
C THR B 477 -19.14 -0.19 -29.75
N TYR B 478 -19.45 0.06 -31.02
CA TYR B 478 -18.58 0.86 -31.88
C TYR B 478 -19.35 2.04 -32.47
N VAL B 479 -18.99 3.26 -32.09
CA VAL B 479 -19.65 4.45 -32.55
C VAL B 479 -18.61 5.21 -33.36
N GLY B 480 -18.93 5.53 -34.61
CA GLY B 480 -17.98 6.10 -35.57
C GLY B 480 -17.76 5.14 -36.74
N GLN B 481 -16.87 5.48 -37.69
CA GLN B 481 -16.74 4.68 -38.90
C GLN B 481 -16.22 3.27 -38.60
N VAL B 482 -16.80 2.28 -39.28
CA VAL B 482 -16.30 0.92 -39.23
C VAL B 482 -16.04 0.51 -40.68
N THR B 483 -14.78 0.22 -41.03
CA THR B 483 -14.44 -0.17 -42.41
C THR B 483 -14.65 -1.66 -42.58
N ASP B 484 -15.10 -2.06 -43.77
CA ASP B 484 -15.36 -3.48 -44.08
C ASP B 484 -16.16 -4.12 -42.98
N SER B 485 -17.22 -3.42 -42.58
CA SER B 485 -17.98 -3.78 -41.37
C SER B 485 -18.64 -5.14 -41.49
N GLU B 486 -18.90 -5.57 -42.73
CA GLU B 486 -19.54 -6.84 -42.97
C GLU B 486 -18.72 -8.03 -42.45
N LEU B 487 -17.42 -7.77 -42.16
CA LEU B 487 -16.56 -8.82 -41.57
C LEU B 487 -16.83 -9.10 -40.09
N ILE B 488 -17.60 -8.22 -39.45
CA ILE B 488 -17.85 -8.29 -38.00
C ILE B 488 -19.25 -8.83 -37.74
N GLU B 489 -19.35 -9.92 -36.96
CA GLU B 489 -20.64 -10.61 -36.79
C GLU B 489 -21.74 -9.66 -36.25
N SER B 490 -21.41 -8.93 -35.21
CA SER B 490 -22.41 -8.00 -34.63
C SER B 490 -21.74 -7.05 -33.66
N TYR B 491 -22.35 -5.87 -33.55
CA TYR B 491 -21.93 -4.84 -32.60
C TYR B 491 -23.06 -3.84 -32.51
N SER B 492 -23.06 -3.09 -31.40
CA SER B 492 -24.01 -2.03 -31.18
C SER B 492 -23.42 -0.72 -31.62
N VAL B 493 -24.28 0.16 -32.11
CA VAL B 493 -23.88 1.52 -32.46
C VAL B 493 -24.54 2.51 -31.50
N GLU B 494 -25.16 2.02 -30.43
CA GLU B 494 -25.73 2.94 -29.43
C GLU B 494 -24.95 2.89 -28.15
N LEU B 495 -24.42 4.03 -27.70
CA LEU B 495 -23.65 4.03 -26.41
C LEU B 495 -24.55 3.71 -25.24
N PRO B 496 -24.03 2.95 -24.26
CA PRO B 496 -24.76 2.86 -22.99
C PRO B 496 -24.76 4.24 -22.31
N LYS B 497 -25.52 4.39 -21.21
CA LYS B 497 -25.51 5.66 -20.48
C LYS B 497 -24.05 6.00 -20.08
N VAL B 498 -23.68 7.25 -20.30
CA VAL B 498 -22.35 7.71 -20.03
C VAL B 498 -22.41 8.60 -18.78
N THR B 499 -21.53 8.32 -17.82
CA THR B 499 -21.35 9.24 -16.70
C THR B 499 -19.87 9.64 -16.68
N VAL B 500 -19.54 10.75 -16.03
CA VAL B 500 -18.15 11.08 -15.81
C VAL B 500 -17.76 10.86 -14.35
N GLU B 501 -16.76 9.98 -14.13
CA GLU B 501 -16.26 9.65 -12.78
C GLU B 501 -14.75 9.92 -12.60
N ASN B 502 -14.43 10.93 -11.76
CA ASN B 502 -13.06 11.43 -11.64
C ASN B 502 -12.50 11.82 -13.03
N GLY B 503 -13.34 12.41 -13.86
CA GLY B 503 -12.94 12.93 -15.16
C GLY B 503 -12.95 11.87 -16.27
N LEU B 504 -13.11 10.60 -15.90
CA LEU B 504 -13.15 9.58 -16.95
C LEU B 504 -14.57 9.34 -17.46
N ASN B 505 -14.76 8.96 -18.73
CA ASN B 505 -16.07 8.46 -19.17
C ASN B 505 -16.30 7.06 -18.65
N ALA B 506 -17.41 6.86 -17.97
CA ALA B 506 -17.86 5.54 -17.57
C ALA B 506 -19.10 5.14 -18.40
N TYR B 507 -19.06 3.96 -19.01
CA TYR B 507 -20.14 3.48 -19.87
C TYR B 507 -20.89 2.38 -19.11
N GLN B 508 -22.19 2.56 -18.92
CA GLN B 508 -22.95 1.64 -18.07
C GLN B 508 -22.83 0.19 -18.55
N GLY B 509 -22.22 -0.66 -17.73
CA GLY B 509 -22.14 -2.10 -18.02
C GLY B 509 -21.10 -2.57 -19.03
N GLU B 510 -20.35 -1.64 -19.62
CA GLU B 510 -19.43 -1.94 -20.76
C GLU B 510 -18.16 -1.14 -20.65
N GLY B 511 -17.18 -1.52 -21.43
CA GLY B 511 -15.93 -0.74 -21.53
C GLY B 511 -15.09 -0.86 -20.26
N ALA B 512 -14.18 0.08 -20.08
CA ALA B 512 -13.22 -0.03 -18.97
C ALA B 512 -13.95 0.39 -17.67
N ASP B 513 -13.80 -0.42 -16.63
CA ASP B 513 -14.34 -0.10 -15.32
C ASP B 513 -13.46 1.02 -14.73
N VAL B 514 -14.04 2.21 -14.54
CA VAL B 514 -13.26 3.36 -14.07
C VAL B 514 -12.75 3.17 -12.63
N SER B 515 -13.36 2.26 -11.86
N SER B 515 -13.37 2.24 -11.88
CA SER B 515 -12.84 2.04 -10.51
CA SER B 515 -12.93 1.94 -10.52
C SER B 515 -11.43 1.43 -10.50
C SER B 515 -11.59 1.18 -10.46
N LYS B 516 -11.04 0.81 -11.63
CA LYS B 516 -9.73 0.17 -11.71
C LYS B 516 -8.70 1.12 -12.31
N LEU B 517 -9.12 2.35 -12.64
CA LEU B 517 -8.24 3.28 -13.34
C LEU B 517 -7.90 4.48 -12.48
N SER B 518 -6.68 4.95 -12.58
CA SER B 518 -6.28 6.21 -11.97
C SER B 518 -5.06 6.80 -12.67
N VAL B 519 -5.05 8.12 -12.80
CA VAL B 519 -3.94 8.82 -13.44
C VAL B 519 -2.75 8.79 -12.48
N VAL B 520 -1.58 8.38 -12.99
CA VAL B 520 -0.33 8.42 -12.19
C VAL B 520 0.26 9.81 -12.33
N THR B 521 0.57 10.41 -11.16
CA THR B 521 1.26 11.71 -11.14
C THR B 521 2.51 11.61 -10.25
N ALA B 522 3.25 12.71 -10.18
CA ALA B 522 4.43 12.79 -9.31
C ALA B 522 4.05 12.65 -7.82
N GLU B 523 2.75 12.66 -7.46
CA GLU B 523 2.36 12.34 -6.08
C GLU B 523 2.87 10.92 -5.69
N THR B 524 2.88 9.96 -6.64
CA THR B 524 3.45 8.60 -6.37
C THR B 524 4.63 8.22 -7.23
N ALA B 525 4.79 8.85 -8.40
CA ALA B 525 5.81 8.38 -9.33
C ALA B 525 7.03 9.27 -9.23
N GLY B 526 8.18 8.68 -9.52
CA GLY B 526 9.43 9.43 -9.58
C GLY B 526 10.06 9.65 -8.21
N PRO B 527 11.20 10.35 -8.19
CA PRO B 527 11.93 10.55 -6.93
C PRO B 527 11.25 11.61 -6.04
N ASP B 528 11.84 11.86 -4.89
CA ASP B 528 11.25 12.85 -3.97
C ASP B 528 11.87 14.25 -4.08
N TYR B 529 12.57 14.52 -5.20
CA TYR B 529 13.17 15.84 -5.44
C TYR B 529 13.03 16.15 -6.93
N VAL B 530 13.19 17.42 -7.26
CA VAL B 530 13.38 17.91 -8.62
C VAL B 530 14.70 18.68 -8.65
N LEU B 531 15.34 18.69 -9.82
CA LEU B 531 16.64 19.36 -10.02
C LEU B 531 16.50 20.70 -10.70
N GLU B 532 17.32 21.64 -10.25
CA GLU B 532 17.44 22.96 -10.89
C GLU B 532 18.87 23.16 -11.36
N ASN B 533 19.05 24.00 -12.38
CA ASN B 533 20.40 24.31 -12.88
C ASN B 533 21.10 23.09 -13.50
N THR B 534 20.28 22.22 -14.07
CA THR B 534 20.77 21.16 -14.93
C THR B 534 21.18 21.71 -16.31
N THR B 535 21.83 20.86 -17.10
CA THR B 535 22.23 21.19 -18.49
C THR B 535 22.00 19.97 -19.35
N LYS B 536 21.33 20.13 -20.50
CA LYS B 536 21.07 19.00 -21.41
C LYS B 536 22.38 18.53 -22.07
C1 GOL C . -4.93 10.58 15.99
O1 GOL C . -3.69 11.23 15.57
C2 GOL C . -4.88 9.98 17.41
O2 GOL C . -4.75 11.04 18.40
C3 GOL C . -3.68 9.05 17.67
O3 GOL C . -3.94 7.83 17.01
C1 GOL D . 6.13 -2.15 22.42
O1 GOL D . 5.08 -1.21 22.32
C2 GOL D . 6.83 -2.30 21.10
O2 GOL D . 6.49 -1.13 20.26
C3 GOL D . 6.39 -3.65 20.51
O3 GOL D . 6.19 -4.73 21.48
C1 MLI E . 5.39 -0.06 15.56
C2 MLI E . 6.13 -0.95 16.55
C3 MLI E . 4.24 -0.82 14.95
O6 MLI E . 7.41 -1.10 16.49
O7 MLI E . 5.44 -1.52 17.42
O8 MLI E . 3.09 -0.77 15.48
O9 MLI E . 4.43 -1.48 13.89
C1 GOL F . 8.58 7.99 -33.34
O1 GOL F . 7.61 7.00 -32.96
C2 GOL F . 8.01 9.37 -32.94
O2 GOL F . 9.15 10.27 -32.86
C3 GOL F . 7.01 9.90 -33.99
O3 GOL F . 7.50 9.75 -35.36
C1 MLI G . 9.55 -4.36 -37.21
C2 MLI G . 10.52 -5.44 -36.81
C3 MLI G . 8.25 -4.55 -36.46
O6 MLI G . 11.09 -6.19 -37.68
O7 MLI G . 10.73 -5.57 -35.61
O8 MLI G . 8.10 -3.94 -35.37
O9 MLI G . 7.33 -5.28 -36.95
#